data_8IDW
#
_entry.id   8IDW
#
_cell.length_a   123.506
_cell.length_b   68.299
_cell.length_c   121.006
_cell.angle_alpha   90.00
_cell.angle_beta   110.67
_cell.angle_gamma   90.00
#
_symmetry.space_group_name_H-M   'C 1 2 1'
#
loop_
_entity.id
_entity.type
_entity.pdbx_description
1 polymer 'Cell filamentation protein Fic'
2 non-polymer 'AMP PHOSPHORAMIDATE'
3 non-polymer 'MAGNESIUM ION'
4 non-polymer GLYCEROL
5 water water
#
_entity_poly.entity_id   1
_entity_poly.type   'polypeptide(L)'
_entity_poly.pdbx_seq_one_letter_code
;MKANFLEEEFEINLSVKHLLELWDKNLLNTFEIGTFKGLSQIHSYMFKDIFDFNGQIRNVNISKNNSMFCLARYLKQNLE
IIDNMKHDTFDQIIDKYVEMNICHPFREGNGRSMRIWLDLILKKQLNVVVNWTNINKDEYLLAMINSLIDSTNLKLLIKN
NLTNKITDRNVYIKSIIKSYEYEGFKINIK
;
_entity_poly.pdbx_strand_id   A,B,C,D
#
loop_
_chem_comp.id
_chem_comp.type
_chem_comp.name
_chem_comp.formula
AN2 non-polymer 'AMP PHOSPHORAMIDATE' 'C10 H16 N6 O9 P2'
GOL non-polymer GLYCEROL 'C3 H8 O3'
MG non-polymer 'MAGNESIUM ION' 'Mg 2'
#
# COMPACT_ATOMS: atom_id res chain seq x y z
N GLU A 7 -17.52 14.00 -25.69
CA GLU A 7 -18.43 14.40 -24.62
C GLU A 7 -17.63 14.68 -23.33
N GLU A 8 -17.95 15.81 -22.69
CA GLU A 8 -17.37 16.10 -21.38
C GLU A 8 -17.65 14.98 -20.41
N GLU A 9 -18.77 14.29 -20.58
CA GLU A 9 -19.14 13.26 -19.62
C GLU A 9 -18.21 12.07 -19.69
N PHE A 10 -17.65 11.81 -20.87
CA PHE A 10 -16.56 10.84 -20.98
C PHE A 10 -15.38 11.27 -20.12
N GLU A 11 -14.87 12.48 -20.40
CA GLU A 11 -13.70 12.99 -19.68
C GLU A 11 -13.90 12.91 -18.18
N ILE A 12 -15.09 13.24 -17.71
CA ILE A 12 -15.35 13.25 -16.28
C ILE A 12 -15.42 11.83 -15.74
N ASN A 13 -16.37 11.04 -16.25
CA ASN A 13 -16.58 9.70 -15.71
C ASN A 13 -15.29 8.87 -15.76
N LEU A 14 -14.57 8.96 -16.87
CA LEU A 14 -13.44 8.07 -17.05
C LEU A 14 -12.24 8.50 -16.21
N SER A 15 -11.92 9.80 -16.18
CA SER A 15 -10.79 10.25 -15.37
C SER A 15 -11.05 9.99 -13.88
N VAL A 16 -12.30 10.13 -13.46
CA VAL A 16 -12.64 9.78 -12.09
C VAL A 16 -12.41 8.31 -11.83
N LYS A 17 -12.83 7.45 -12.77
CA LYS A 17 -12.55 6.03 -12.64
C LYS A 17 -11.05 5.76 -12.53
N HIS A 18 -10.26 6.43 -13.36
CA HIS A 18 -8.82 6.28 -13.30
C HIS A 18 -8.25 6.72 -11.95
N LEU A 19 -8.81 7.79 -11.36
CA LEU A 19 -8.35 8.24 -10.06
C LEU A 19 -8.61 7.19 -8.98
N LEU A 20 -9.79 6.55 -9.02
CA LEU A 20 -10.08 5.48 -8.09
C LEU A 20 -9.17 4.30 -8.32
N GLU A 21 -8.78 4.06 -9.58
CA GLU A 21 -7.88 2.95 -9.84
C GLU A 21 -6.52 3.22 -9.26
N LEU A 22 -6.06 4.47 -9.36
CA LEU A 22 -4.79 4.85 -8.74
C LEU A 22 -4.78 4.53 -7.27
N TRP A 23 -5.89 4.78 -6.58
CA TRP A 23 -5.98 4.44 -5.16
C TRP A 23 -6.06 2.93 -4.98
N ASP A 24 -7.05 2.28 -5.62
CA ASP A 24 -7.33 0.88 -5.32
C ASP A 24 -6.17 -0.02 -5.73
N LYS A 25 -5.46 0.32 -6.80
CA LYS A 25 -4.29 -0.46 -7.16
C LYS A 25 -3.04 -0.04 -6.43
N ASN A 26 -3.13 0.89 -5.48
CA ASN A 26 -1.96 1.37 -4.75
C ASN A 26 -0.90 1.95 -5.68
N LEU A 27 -1.33 2.63 -6.74
CA LEU A 27 -0.38 3.20 -7.68
C LEU A 27 0.09 4.59 -7.27
N LEU A 28 -0.71 5.32 -6.49
CA LEU A 28 -0.32 6.67 -6.08
C LEU A 28 1.05 6.67 -5.43
N ASN A 29 1.33 5.68 -4.60
CA ASN A 29 2.57 5.67 -3.86
C ASN A 29 3.77 5.28 -4.72
N THR A 30 3.53 4.78 -5.93
CA THR A 30 4.61 4.43 -6.86
C THR A 30 5.17 5.66 -7.58
N PHE A 31 4.41 6.75 -7.64
CA PHE A 31 4.79 7.89 -8.44
C PHE A 31 5.83 8.73 -7.70
N GLU A 32 6.74 9.31 -8.45
CA GLU A 32 7.76 10.18 -7.87
C GLU A 32 7.13 11.36 -7.17
N ILE A 33 7.70 11.74 -6.02
CA ILE A 33 7.16 12.76 -5.12
C ILE A 33 7.65 14.15 -5.53
N GLY A 34 6.71 15.07 -5.68
CA GLY A 34 7.05 16.48 -5.83
C GLY A 34 7.89 16.86 -7.04
N THR A 35 7.94 16.04 -8.07
CA THR A 35 8.63 16.38 -9.32
C THR A 35 7.64 16.46 -10.47
N PHE A 36 8.05 17.17 -11.53
CA PHE A 36 7.19 17.20 -12.71
C PHE A 36 6.97 15.79 -13.25
N LYS A 37 7.99 14.92 -13.15
CA LYS A 37 7.82 13.53 -13.51
C LYS A 37 6.65 12.90 -12.77
N GLY A 38 6.61 13.05 -11.46
CA GLY A 38 5.48 12.49 -10.72
C GLY A 38 4.16 13.13 -11.10
N LEU A 39 4.16 14.43 -11.40
CA LEU A 39 2.92 15.06 -11.82
C LEU A 39 2.45 14.52 -13.17
N SER A 40 3.37 14.30 -14.11
CA SER A 40 2.93 13.77 -15.39
C SER A 40 2.51 12.30 -15.27
N GLN A 41 3.11 11.54 -14.34
CA GLN A 41 2.61 10.19 -14.11
C GLN A 41 1.14 10.21 -13.68
N ILE A 42 0.76 11.18 -12.83
CA ILE A 42 -0.64 11.33 -12.43
C ILE A 42 -1.48 11.77 -13.62
N HIS A 43 -1.02 12.82 -14.33
CA HIS A 43 -1.78 13.34 -15.47
C HIS A 43 -1.93 12.29 -16.56
N SER A 44 -0.86 11.53 -16.83
CA SER A 44 -0.90 10.51 -17.88
C SER A 44 -1.96 9.44 -17.59
N TYR A 45 -1.95 8.90 -16.37
CA TYR A 45 -2.93 7.89 -15.99
C TYR A 45 -4.34 8.46 -15.90
N MET A 46 -4.46 9.70 -15.40
CA MET A 46 -5.78 10.35 -15.30
C MET A 46 -6.46 10.45 -16.65
N PHE A 47 -5.74 10.96 -17.64
CA PHE A 47 -6.33 11.29 -18.93
C PHE A 47 -5.92 10.30 -20.02
N LYS A 48 -5.49 9.10 -19.59
CA LYS A 48 -5.22 7.94 -20.44
C LYS A 48 -6.00 7.93 -21.75
N ASP A 49 -7.23 7.45 -21.77
CA ASP A 49 -7.88 7.38 -23.10
C ASP A 49 -8.74 8.62 -23.39
N ILE A 50 -8.28 9.81 -23.01
CA ILE A 50 -9.13 11.00 -22.99
C ILE A 50 -8.47 12.16 -23.76
N PHE A 51 -7.31 12.60 -23.27
CA PHE A 51 -6.48 13.55 -23.99
C PHE A 51 -5.36 12.79 -24.66
N ASP A 52 -5.11 13.11 -25.94
CA ASP A 52 -3.94 12.58 -26.63
C ASP A 52 -2.64 13.15 -26.07
N PHE A 53 -2.71 14.23 -25.28
CA PHE A 53 -1.54 14.79 -24.62
C PHE A 53 -1.44 14.36 -23.17
N ASN A 54 -2.04 13.23 -22.80
CA ASN A 54 -1.97 12.79 -21.40
C ASN A 54 -0.52 12.69 -20.95
N GLY A 55 -0.22 13.33 -19.83
CA GLY A 55 1.13 13.36 -19.31
C GLY A 55 2.12 14.18 -20.10
N GLN A 56 1.72 14.77 -21.22
CA GLN A 56 2.67 15.46 -22.07
C GLN A 56 2.67 16.97 -21.84
N ILE A 57 3.88 17.54 -21.79
CA ILE A 57 4.07 18.98 -21.75
C ILE A 57 3.49 19.66 -22.99
N ARG A 58 2.92 20.85 -22.81
CA ARG A 58 2.40 21.58 -23.96
C ARG A 58 3.55 22.20 -24.76
N ASN A 59 3.29 22.49 -26.02
CA ASN A 59 4.28 23.24 -26.82
C ASN A 59 3.79 24.57 -27.36
N VAL A 60 2.58 25.01 -27.02
CA VAL A 60 2.12 26.33 -27.36
C VAL A 60 1.88 27.10 -26.08
N ASN A 61 1.73 28.41 -26.23
CA ASN A 61 1.56 29.25 -25.10
C ASN A 61 0.12 29.38 -24.88
N ILE A 62 -0.23 29.55 -23.64
CA ILE A 62 -1.61 29.65 -23.30
C ILE A 62 -1.75 30.85 -22.44
N SER A 63 -2.83 31.55 -22.64
CA SER A 63 -3.09 32.68 -21.80
C SER A 63 -4.49 32.66 -21.36
N LYS A 64 -4.72 32.53 -20.06
CA LYS A 64 -6.07 32.68 -19.54
C LYS A 64 -6.28 34.21 -19.43
N ASN A 65 -6.44 34.78 -18.25
CA ASN A 65 -6.46 36.23 -18.34
C ASN A 65 -5.93 36.93 -17.08
N ASN A 66 -5.06 37.90 -17.34
CA ASN A 66 -4.16 38.56 -16.39
C ASN A 66 -3.22 37.58 -15.73
N SER A 67 -3.08 36.39 -16.29
CA SER A 67 -2.29 35.31 -15.72
C SER A 67 -1.14 34.98 -16.67
N MET A 68 0.09 35.14 -16.17
CA MET A 68 1.29 34.85 -16.93
C MET A 68 1.76 33.46 -16.51
N PHE A 69 1.74 32.54 -17.44
CA PHE A 69 2.25 31.19 -17.23
C PHE A 69 3.61 31.06 -17.90
N CYS A 70 4.28 29.94 -17.62
CA CYS A 70 5.57 29.67 -18.25
C CYS A 70 5.46 29.68 -19.77
N LEU A 71 6.42 30.31 -20.43
CA LEU A 71 6.45 30.31 -21.88
C LEU A 71 6.80 28.92 -22.39
N ALA A 72 6.08 28.49 -23.42
CA ALA A 72 6.32 27.19 -24.03
C ALA A 72 7.78 26.98 -24.39
N ARG A 73 8.48 28.03 -24.85
CA ARG A 73 9.86 27.87 -25.29
C ARG A 73 10.78 27.40 -24.17
N TYR A 74 10.50 27.79 -22.93
CA TYR A 74 11.35 27.49 -21.79
C TYR A 74 10.72 26.49 -20.82
N LEU A 75 9.60 25.86 -21.20
CA LEU A 75 8.83 25.05 -20.25
C LEU A 75 9.65 23.91 -19.65
N LYS A 76 10.26 23.08 -20.51
CA LYS A 76 10.95 21.90 -20.01
C LYS A 76 12.07 22.27 -19.05
N GLN A 77 12.85 23.31 -19.37
CA GLN A 77 13.89 23.79 -18.45
C GLN A 77 13.31 24.42 -17.21
N ASN A 78 12.20 25.15 -17.34
CA ASN A 78 11.63 25.80 -16.16
C ASN A 78 11.16 24.74 -15.16
N LEU A 79 10.55 23.67 -15.65
CA LEU A 79 10.09 22.57 -14.80
C LEU A 79 11.25 21.91 -14.08
N GLU A 80 12.43 21.82 -14.71
CA GLU A 80 13.58 21.30 -13.98
C GLU A 80 13.93 22.20 -12.80
N ILE A 81 13.87 23.52 -13.00
CA ILE A 81 14.13 24.46 -11.90
C ILE A 81 13.14 24.23 -10.76
N ILE A 82 11.86 24.01 -11.10
CA ILE A 82 10.84 23.80 -10.08
C ILE A 82 11.11 22.49 -9.33
N ASP A 83 11.45 21.42 -10.07
CA ASP A 83 11.84 20.16 -9.46
C ASP A 83 12.85 20.36 -8.33
N ASN A 84 13.80 21.29 -8.50
CA ASN A 84 14.86 21.37 -7.51
C ASN A 84 14.54 22.31 -6.36
N MET A 85 13.39 22.97 -6.35
CA MET A 85 12.90 23.55 -5.13
C MET A 85 12.76 22.47 -4.05
N LYS A 86 13.01 22.87 -2.80
CA LYS A 86 12.89 21.95 -1.67
C LYS A 86 11.42 21.74 -1.33
N HIS A 87 11.10 20.60 -0.74
CA HIS A 87 9.73 20.37 -0.32
C HIS A 87 9.65 19.62 1.01
N ASP A 88 10.39 20.11 2.01
CA ASP A 88 10.39 19.49 3.34
C ASP A 88 9.39 20.13 4.30
N THR A 89 9.26 21.45 4.27
CA THR A 89 8.32 22.14 5.14
C THR A 89 7.02 22.46 4.40
N PHE A 90 5.96 22.68 5.19
CA PHE A 90 4.69 23.09 4.61
C PHE A 90 4.90 24.30 3.72
N ASP A 91 5.64 25.28 4.23
CA ASP A 91 5.85 26.53 3.52
C ASP A 91 6.54 26.30 2.18
N GLN A 92 7.54 25.43 2.17
CA GLN A 92 8.19 25.04 0.92
C GLN A 92 7.23 24.33 -0.02
N ILE A 93 6.38 23.45 0.52
CA ILE A 93 5.48 22.65 -0.30
C ILE A 93 4.45 23.52 -1.00
N ILE A 94 3.89 24.51 -0.31
CA ILE A 94 2.96 25.39 -1.01
C ILE A 94 3.72 26.26 -2.00
N ASP A 95 4.94 26.67 -1.66
CA ASP A 95 5.75 27.42 -2.61
C ASP A 95 5.88 26.66 -3.92
N LYS A 96 6.28 25.39 -3.84
CA LYS A 96 6.46 24.59 -5.04
C LYS A 96 5.14 24.44 -5.80
N TYR A 97 4.05 24.19 -5.07
CA TYR A 97 2.73 24.13 -5.68
C TYR A 97 2.38 25.43 -6.38
N VAL A 98 2.66 26.56 -5.74
CA VAL A 98 2.34 27.85 -6.35
C VAL A 98 3.09 28.02 -7.67
N GLU A 99 4.38 27.65 -7.70
CA GLU A 99 5.19 27.81 -8.91
C GLU A 99 4.77 26.82 -10.00
N MET A 100 4.51 25.56 -9.64
CA MET A 100 4.06 24.60 -10.64
C MET A 100 2.74 25.05 -11.30
N ASN A 101 1.82 25.60 -10.51
CA ASN A 101 0.57 26.11 -11.06
C ASN A 101 0.81 27.30 -11.99
N ILE A 102 1.67 28.21 -11.58
CA ILE A 102 2.05 29.32 -12.47
C ILE A 102 2.63 28.77 -13.74
N CYS A 103 3.49 27.77 -13.64
CA CYS A 103 4.12 27.24 -14.83
C CYS A 103 3.11 26.57 -15.77
N HIS A 104 2.15 25.83 -15.21
CA HIS A 104 1.02 25.28 -15.96
C HIS A 104 1.49 24.40 -17.12
N PRO A 105 2.14 23.27 -16.84
CA PRO A 105 2.81 22.54 -17.92
C PRO A 105 1.87 21.87 -18.92
N PHE A 106 0.62 21.61 -18.57
CA PHE A 106 -0.26 20.81 -19.41
C PHE A 106 -1.20 21.71 -20.21
N ARG A 107 -1.58 21.23 -21.38
CA ARG A 107 -2.59 21.95 -22.18
C ARG A 107 -3.91 22.01 -21.45
N GLU A 108 -4.30 20.93 -20.75
CA GLU A 108 -5.48 20.90 -19.91
C GLU A 108 -5.26 19.88 -18.81
N GLY A 109 -6.06 19.99 -17.75
CA GLY A 109 -6.01 19.10 -16.62
C GLY A 109 -4.99 19.48 -15.55
N ASN A 110 -4.47 20.70 -15.56
CA ASN A 110 -3.47 21.11 -14.57
C ASN A 110 -4.06 21.10 -13.16
N GLY A 111 -5.28 21.63 -12.99
CA GLY A 111 -5.82 21.85 -11.67
C GLY A 111 -6.12 20.56 -10.92
N ARG A 112 -6.86 19.65 -11.54
CA ARG A 112 -7.18 18.37 -10.91
C ARG A 112 -5.90 17.58 -10.65
N SER A 113 -5.04 17.47 -11.66
CA SER A 113 -3.88 16.60 -11.48
C SER A 113 -2.92 17.16 -10.44
N MET A 114 -2.77 18.49 -10.39
CA MET A 114 -1.86 19.10 -9.42
C MET A 114 -2.36 18.96 -8.00
N ARG A 115 -3.67 18.89 -7.79
CA ARG A 115 -4.20 18.75 -6.43
C ARG A 115 -3.95 17.33 -5.89
N ILE A 116 -4.09 16.31 -6.74
CA ILE A 116 -3.64 14.97 -6.33
C ILE A 116 -2.15 15.00 -6.00
N TRP A 117 -1.35 15.62 -6.88
CA TRP A 117 0.08 15.68 -6.72
C TRP A 117 0.46 16.40 -5.43
N LEU A 118 -0.26 17.46 -5.10
CA LEU A 118 0.05 18.21 -3.89
C LEU A 118 -0.19 17.34 -2.65
N ASP A 119 -1.34 16.63 -2.62
CA ASP A 119 -1.68 15.77 -1.49
C ASP A 119 -0.60 14.74 -1.22
N LEU A 120 0.00 14.21 -2.29
CA LEU A 120 1.04 13.19 -2.14
C LEU A 120 2.32 13.77 -1.58
N ILE A 121 2.63 15.03 -1.85
CA ILE A 121 3.79 15.65 -1.21
C ILE A 121 3.53 15.82 0.27
N LEU A 122 2.34 16.32 0.60
CA LEU A 122 1.98 16.54 1.99
C LEU A 122 1.95 15.22 2.76
N LYS A 123 1.42 14.17 2.13
CA LYS A 123 1.30 12.87 2.78
C LYS A 123 2.67 12.29 3.07
N LYS A 124 3.57 12.35 2.10
CA LYS A 124 4.90 11.79 2.27
C LYS A 124 5.73 12.61 3.25
N GLN A 125 5.66 13.93 3.15
CA GLN A 125 6.53 14.83 3.91
C GLN A 125 5.96 15.23 5.27
N LEU A 126 4.63 15.38 5.41
CA LEU A 126 4.05 15.87 6.65
C LEU A 126 2.97 14.95 7.22
N ASN A 127 2.75 13.79 6.60
CA ASN A 127 1.72 12.83 7.04
C ASN A 127 0.35 13.52 7.19
N VAL A 128 0.02 14.40 6.22
CA VAL A 128 -1.30 15.01 6.13
C VAL A 128 -1.68 15.10 4.65
N VAL A 129 -2.96 15.29 4.39
CA VAL A 129 -3.44 15.68 3.06
C VAL A 129 -4.38 16.85 3.24
N VAL A 130 -4.77 17.48 2.13
CA VAL A 130 -5.70 18.60 2.22
C VAL A 130 -7.11 18.06 2.39
N ASN A 131 -7.86 18.64 3.32
CA ASN A 131 -9.28 18.30 3.46
C ASN A 131 -10.10 19.22 2.56
N TRP A 132 -9.96 18.99 1.25
CA TRP A 132 -10.57 19.87 0.25
C TRP A 132 -12.05 20.09 0.50
N THR A 133 -12.72 19.13 1.14
CA THR A 133 -14.18 19.21 1.25
C THR A 133 -14.61 20.48 2.00
N ASN A 134 -13.81 20.94 2.98
CA ASN A 134 -14.14 22.15 3.72
C ASN A 134 -13.59 23.41 3.08
N ILE A 135 -12.98 23.32 1.90
CA ILE A 135 -12.46 24.47 1.18
C ILE A 135 -13.42 24.76 0.04
N ASN A 136 -14.21 25.83 0.19
CA ASN A 136 -15.18 26.21 -0.82
C ASN A 136 -14.50 26.69 -2.09
N LYS A 137 -15.25 26.61 -3.19
CA LYS A 137 -14.74 26.95 -4.50
C LYS A 137 -14.30 28.42 -4.62
N ASP A 138 -15.12 29.35 -4.13
CA ASP A 138 -14.80 30.77 -4.31
C ASP A 138 -13.51 31.14 -3.58
N GLU A 139 -13.43 30.76 -2.30
CA GLU A 139 -12.23 31.10 -1.54
C GLU A 139 -10.99 30.45 -2.13
N TYR A 140 -11.10 29.19 -2.59
CA TYR A 140 -9.93 28.51 -3.18
C TYR A 140 -9.46 29.20 -4.45
N LEU A 141 -10.36 29.43 -5.41
CA LEU A 141 -9.95 30.03 -6.67
C LEU A 141 -9.38 31.42 -6.46
N LEU A 142 -9.89 32.15 -5.47
CA LEU A 142 -9.36 33.48 -5.19
C LEU A 142 -7.93 33.39 -4.67
N ALA A 143 -7.70 32.51 -3.70
CA ALA A 143 -6.34 32.28 -3.21
C ALA A 143 -5.41 31.90 -4.34
N MET A 144 -5.88 31.04 -5.26
CA MET A 144 -5.01 30.62 -6.34
C MET A 144 -4.65 31.81 -7.23
N ILE A 145 -5.63 32.65 -7.56
CA ILE A 145 -5.36 33.84 -8.36
C ILE A 145 -4.38 34.76 -7.64
N ASN A 146 -4.66 35.06 -6.38
CA ASN A 146 -3.77 35.91 -5.61
C ASN A 146 -2.40 35.30 -5.40
N SER A 147 -2.26 33.98 -5.51
CA SER A 147 -0.96 33.36 -5.31
C SER A 147 0.07 33.76 -6.36
N LEU A 148 -0.34 34.38 -7.48
CA LEU A 148 0.68 34.92 -8.39
C LEU A 148 1.40 36.12 -7.80
N ILE A 149 0.78 36.86 -6.89
CA ILE A 149 1.46 37.94 -6.18
C ILE A 149 1.86 37.46 -4.78
N ASP A 150 0.89 37.15 -3.93
CA ASP A 150 1.12 36.79 -2.54
C ASP A 150 0.43 35.46 -2.27
N SER A 151 1.19 34.47 -1.83
CA SER A 151 0.61 33.17 -1.55
C SER A 151 0.26 32.99 -0.07
N THR A 152 0.11 34.10 0.68
CA THR A 152 -0.22 33.99 2.10
C THR A 152 -1.61 33.46 2.31
N ASN A 153 -2.58 33.96 1.54
CA ASN A 153 -3.96 33.52 1.72
C ASN A 153 -4.12 32.04 1.39
N LEU A 154 -3.53 31.58 0.29
CA LEU A 154 -3.56 30.17 -0.07
C LEU A 154 -2.93 29.30 1.03
N LYS A 155 -1.76 29.70 1.52
CA LYS A 155 -1.07 28.91 2.54
C LYS A 155 -1.89 28.78 3.81
N LEU A 156 -2.59 29.87 4.20
CA LEU A 156 -3.45 29.81 5.38
C LEU A 156 -4.67 28.93 5.14
N LEU A 157 -5.37 29.14 4.02
CA LEU A 157 -6.56 28.37 3.71
C LEU A 157 -6.25 26.87 3.76
N ILE A 158 -5.12 26.46 3.21
CA ILE A 158 -4.77 25.04 3.18
C ILE A 158 -4.32 24.59 4.55
N LYS A 159 -3.50 25.41 5.23
CA LYS A 159 -3.02 25.07 6.57
C LYS A 159 -4.18 24.89 7.55
N ASN A 160 -5.27 25.61 7.35
CA ASN A 160 -6.43 25.47 8.22
C ASN A 160 -7.27 24.25 7.89
N ASN A 161 -7.00 23.54 6.80
CA ASN A 161 -7.87 22.43 6.39
C ASN A 161 -7.05 21.19 6.04
N LEU A 162 -6.17 20.79 6.94
CA LEU A 162 -5.43 19.54 6.78
C LEU A 162 -6.11 18.44 7.58
N THR A 163 -5.94 17.21 7.10
CA THR A 163 -6.41 16.04 7.83
C THR A 163 -5.29 15.01 7.88
N ASN A 164 -5.32 14.16 8.90
CA ASN A 164 -4.36 13.07 9.00
C ASN A 164 -4.89 11.77 8.40
N LYS A 165 -6.10 11.78 7.84
CA LYS A 165 -6.72 10.61 7.25
C LYS A 165 -6.12 10.29 5.86
N ILE A 166 -4.83 9.96 5.86
CA ILE A 166 -4.05 9.86 4.63
C ILE A 166 -4.11 8.50 3.95
N THR A 167 -4.77 7.52 4.58
CA THR A 167 -5.00 6.21 3.97
C THR A 167 -6.48 5.93 3.81
N ASP A 168 -7.30 6.99 3.93
CA ASP A 168 -8.76 6.86 3.95
C ASP A 168 -9.32 7.06 2.53
N ARG A 169 -9.90 5.99 1.97
CA ARG A 169 -10.45 6.05 0.63
C ARG A 169 -11.64 7.01 0.53
N ASN A 170 -12.41 7.16 1.62
CA ASN A 170 -13.59 8.02 1.52
C ASN A 170 -13.21 9.50 1.53
N VAL A 171 -12.16 9.85 2.27
CA VAL A 171 -11.60 11.18 2.22
C VAL A 171 -11.03 11.44 0.82
N TYR A 172 -10.36 10.46 0.25
CA TYR A 172 -9.88 10.60 -1.13
C TYR A 172 -11.02 10.85 -2.10
N ILE A 173 -12.13 10.13 -1.95
CA ILE A 173 -13.31 10.39 -2.77
C ILE A 173 -13.79 11.82 -2.58
N LYS A 174 -13.89 12.25 -1.33
CA LYS A 174 -14.37 13.61 -1.05
C LYS A 174 -13.46 14.66 -1.66
N SER A 175 -12.16 14.41 -1.72
CA SER A 175 -11.28 15.36 -2.39
C SER A 175 -11.48 15.36 -3.90
N ILE A 176 -11.75 14.19 -4.51
CA ILE A 176 -12.10 14.15 -5.93
C ILE A 176 -13.36 14.98 -6.20
N ILE A 177 -14.40 14.79 -5.38
CA ILE A 177 -15.66 15.52 -5.59
C ILE A 177 -15.39 17.01 -5.63
N LYS A 178 -14.71 17.52 -4.59
CA LYS A 178 -14.48 18.96 -4.49
C LYS A 178 -13.53 19.45 -5.57
N SER A 179 -12.49 18.66 -5.88
CA SER A 179 -11.54 19.04 -6.92
C SER A 179 -12.24 19.30 -8.25
N TYR A 180 -13.17 18.43 -8.62
CA TYR A 180 -13.90 18.64 -9.86
C TYR A 180 -14.87 19.82 -9.75
N GLU A 181 -15.45 20.04 -8.56
CA GLU A 181 -16.27 21.23 -8.33
C GLU A 181 -15.49 22.50 -8.63
N TYR A 182 -14.20 22.54 -8.33
CA TYR A 182 -13.41 23.73 -8.55
C TYR A 182 -13.31 24.05 -10.02
N GLU A 183 -13.49 23.05 -10.86
CA GLU A 183 -13.45 23.26 -12.28
C GLU A 183 -14.82 23.26 -12.92
N GLY A 184 -15.86 23.43 -12.12
CA GLY A 184 -17.21 23.54 -12.66
C GLY A 184 -17.87 22.23 -13.03
N PHE A 185 -17.35 21.09 -12.59
CA PHE A 185 -17.95 19.79 -12.84
C PHE A 185 -18.55 19.26 -11.55
N LYS A 186 -19.84 18.95 -11.56
CA LYS A 186 -20.50 18.40 -10.38
C LYS A 186 -20.55 16.92 -10.59
N ILE A 187 -19.90 16.18 -9.71
CA ILE A 187 -19.80 14.76 -9.91
C ILE A 187 -20.38 13.97 -8.74
N ASN A 188 -20.62 12.69 -8.95
CA ASN A 188 -21.10 11.83 -7.86
C ASN A 188 -20.24 10.58 -7.70
N ILE A 189 -19.86 10.27 -6.46
CA ILE A 189 -18.95 9.13 -6.15
C ILE A 189 -17.79 8.89 -7.10
N PHE B 5 -32.17 -13.08 16.12
CA PHE B 5 -33.30 -12.36 16.64
C PHE B 5 -33.26 -10.94 16.11
N LEU B 6 -32.21 -10.20 16.42
CA LEU B 6 -32.07 -8.83 16.02
C LEU B 6 -30.63 -8.64 16.35
N GLU B 7 -30.20 -9.20 17.47
CA GLU B 7 -28.77 -9.17 17.73
C GLU B 7 -28.00 -10.02 16.74
N GLU B 8 -28.68 -10.92 15.99
CA GLU B 8 -28.01 -11.56 14.87
C GLU B 8 -27.81 -10.57 13.74
N GLU B 9 -28.82 -9.73 13.49
CA GLU B 9 -28.68 -8.72 12.44
C GLU B 9 -27.60 -7.71 12.81
N PHE B 10 -27.40 -7.45 14.10
CA PHE B 10 -26.28 -6.63 14.51
C PHE B 10 -24.95 -7.33 14.24
N GLU B 11 -24.83 -8.60 14.65
CA GLU B 11 -23.62 -9.36 14.35
C GLU B 11 -23.25 -9.21 12.89
N ILE B 12 -24.22 -9.48 12.00
CA ILE B 12 -23.92 -9.56 10.59
C ILE B 12 -23.59 -8.18 10.04
N ASN B 13 -24.48 -7.21 10.24
CA ASN B 13 -24.32 -5.94 9.55
C ASN B 13 -23.09 -5.19 10.04
N LEU B 14 -22.77 -5.32 11.33
CA LEU B 14 -21.59 -4.64 11.87
C LEU B 14 -20.30 -5.31 11.41
N SER B 15 -20.27 -6.65 11.37
CA SER B 15 -19.07 -7.33 10.88
C SER B 15 -18.84 -7.01 9.40
N VAL B 16 -19.91 -6.91 8.63
CA VAL B 16 -19.76 -6.51 7.24
C VAL B 16 -19.23 -5.09 7.15
N LYS B 17 -19.69 -4.21 8.04
CA LYS B 17 -19.15 -2.86 8.09
C LYS B 17 -17.66 -2.87 8.39
N HIS B 18 -17.25 -3.71 9.34
CA HIS B 18 -15.84 -3.81 9.68
C HIS B 18 -15.03 -4.31 8.48
N LEU B 19 -15.59 -5.21 7.67
CA LEU B 19 -14.89 -5.74 6.51
C LEU B 19 -14.62 -4.63 5.47
N LEU B 20 -15.62 -3.79 5.21
CA LEU B 20 -15.44 -2.68 4.29
C LEU B 20 -14.46 -1.65 4.84
N GLU B 21 -14.42 -1.48 6.17
CA GLU B 21 -13.43 -0.59 6.75
C GLU B 21 -12.02 -1.10 6.48
N LEU B 22 -11.82 -2.41 6.57
CA LEU B 22 -10.50 -2.98 6.31
C LEU B 22 -10.01 -2.61 4.91
N TRP B 23 -10.91 -2.64 3.92
CA TRP B 23 -10.57 -2.20 2.57
C TRP B 23 -10.36 -0.70 2.55
N ASP B 24 -11.38 0.06 2.97
CA ASP B 24 -11.38 1.50 2.73
C ASP B 24 -10.34 2.24 3.55
N LYS B 25 -9.84 1.64 4.64
CA LYS B 25 -8.77 2.28 5.40
C LYS B 25 -7.41 1.70 5.06
N ASN B 26 -7.37 0.77 4.10
CA ASN B 26 -6.14 0.07 3.70
C ASN B 26 -5.51 -0.67 4.89
N LEU B 27 -6.34 -1.38 5.66
CA LEU B 27 -5.82 -2.20 6.74
C LEU B 27 -5.54 -3.63 6.31
N LEU B 28 -6.21 -4.11 5.26
CA LEU B 28 -6.05 -5.51 4.86
C LEU B 28 -4.59 -5.87 4.67
N ASN B 29 -3.85 -5.04 3.95
CA ASN B 29 -2.48 -5.36 3.60
C ASN B 29 -1.52 -5.11 4.74
N THR B 30 -2.00 -4.51 5.82
CA THR B 30 -1.19 -4.31 7.00
C THR B 30 -1.10 -5.57 7.85
N PHE B 31 -2.02 -6.51 7.68
CA PHE B 31 -2.05 -7.69 8.54
C PHE B 31 -1.05 -8.73 8.04
N GLU B 32 -0.51 -9.51 8.99
CA GLU B 32 0.47 -10.55 8.69
C GLU B 32 -0.11 -11.62 7.76
N ILE B 33 0.65 -11.97 6.70
CA ILE B 33 0.17 -12.89 5.67
C ILE B 33 0.31 -14.33 6.16
N GLY B 34 -0.77 -15.09 6.07
CA GLY B 34 -0.74 -16.53 6.23
C GLY B 34 -0.32 -17.08 7.59
N THR B 35 -0.46 -16.31 8.66
CA THR B 35 -0.17 -16.81 10.01
C THR B 35 -1.41 -16.71 10.89
N PHE B 36 -1.36 -17.38 12.04
CA PHE B 36 -2.52 -17.29 12.92
C PHE B 36 -2.67 -15.88 13.46
N LYS B 37 -1.55 -15.19 13.72
CA LYS B 37 -1.65 -13.79 14.12
C LYS B 37 -2.43 -13.00 13.07
N GLY B 38 -2.09 -13.17 11.78
CA GLY B 38 -2.83 -12.46 10.74
C GLY B 38 -4.30 -12.83 10.73
N LEU B 39 -4.60 -14.13 10.93
CA LEU B 39 -5.99 -14.56 10.98
C LEU B 39 -6.71 -13.89 12.16
N SER B 40 -6.05 -13.85 13.31
CA SER B 40 -6.69 -13.27 14.47
C SER B 40 -6.72 -11.75 14.39
N GLN B 41 -5.84 -11.13 13.60
CA GLN B 41 -6.02 -9.70 13.33
C GLN B 41 -7.32 -9.45 12.58
N ILE B 42 -7.66 -10.35 11.65
CA ILE B 42 -8.89 -10.22 10.87
C ILE B 42 -10.11 -10.55 11.73
N HIS B 43 -10.04 -11.67 12.48
CA HIS B 43 -11.12 -12.04 13.39
C HIS B 43 -11.39 -10.93 14.39
N SER B 44 -10.33 -10.36 14.99
CA SER B 44 -10.53 -9.37 16.05
C SER B 44 -11.25 -8.14 15.51
N TYR B 45 -10.82 -7.66 14.32
CA TYR B 45 -11.46 -6.47 13.75
C TYR B 45 -12.87 -6.79 13.24
N MET B 46 -13.06 -7.96 12.63
CA MET B 46 -14.37 -8.34 12.15
C MET B 46 -15.40 -8.31 13.25
N PHE B 47 -15.03 -8.86 14.42
CA PHE B 47 -15.99 -9.12 15.48
C PHE B 47 -15.74 -8.23 16.70
N LYS B 48 -14.91 -7.21 16.54
CA LYS B 48 -14.70 -6.07 17.43
C LYS B 48 -15.83 -5.90 18.44
N ASP B 49 -16.90 -5.18 18.14
CA ASP B 49 -17.84 -4.99 19.27
C ASP B 49 -18.98 -6.03 19.27
N ILE B 50 -18.70 -7.30 18.99
CA ILE B 50 -19.72 -8.30 18.66
C ILE B 50 -19.50 -9.59 19.45
N PHE B 51 -18.30 -10.14 19.36
CA PHE B 51 -17.87 -11.29 20.13
C PHE B 51 -16.90 -10.78 21.20
N ASP B 52 -17.11 -11.22 22.44
CA ASP B 52 -16.18 -10.89 23.52
C ASP B 52 -14.87 -11.62 23.35
N PHE B 53 -14.84 -12.67 22.53
CA PHE B 53 -13.66 -13.47 22.25
C PHE B 53 -13.04 -13.10 20.90
N ASN B 54 -13.31 -11.89 20.39
CA ASN B 54 -12.80 -11.48 19.09
C ASN B 54 -11.29 -11.57 19.04
N GLY B 55 -10.77 -12.27 18.04
CA GLY B 55 -9.36 -12.51 17.91
C GLY B 55 -8.75 -13.52 18.87
N GLN B 56 -9.53 -14.11 19.79
CA GLN B 56 -8.96 -14.93 20.86
C GLN B 56 -9.19 -16.42 20.59
N ILE B 57 -8.16 -17.23 20.82
CA ILE B 57 -8.31 -18.67 20.71
C ILE B 57 -9.31 -19.17 21.75
N ARG B 58 -10.09 -20.18 21.38
CA ARG B 58 -11.05 -20.76 22.31
C ARG B 58 -10.33 -21.60 23.38
N ASN B 59 -10.96 -21.72 24.56
CA ASN B 59 -10.40 -22.56 25.62
C ASN B 59 -11.25 -23.79 25.95
N VAL B 60 -12.33 -24.03 25.22
CA VAL B 60 -13.10 -25.25 25.35
C VAL B 60 -13.17 -25.93 24.00
N ASN B 61 -13.59 -27.19 24.02
CA ASN B 61 -13.52 -28.02 22.83
C ASN B 61 -14.79 -27.86 22.00
N ILE B 62 -14.60 -27.46 20.75
CA ILE B 62 -15.62 -27.56 19.72
C ILE B 62 -15.83 -29.05 19.49
N SER B 63 -15.10 -29.56 18.48
CA SER B 63 -15.22 -30.94 18.08
C SER B 63 -16.68 -31.15 17.91
N LYS B 64 -17.30 -30.37 17.03
CA LYS B 64 -18.74 -30.45 16.81
C LYS B 64 -19.11 -30.96 15.44
N ASN B 65 -20.38 -31.34 15.27
CA ASN B 65 -20.88 -31.88 13.99
C ASN B 65 -20.16 -33.13 13.47
N ASN B 66 -19.79 -34.07 14.35
CA ASN B 66 -19.10 -35.30 13.98
C ASN B 66 -17.68 -35.07 13.45
N SER B 67 -17.19 -33.84 13.41
CA SER B 67 -15.88 -33.55 12.89
C SER B 67 -14.86 -33.40 14.02
N MET B 68 -13.62 -33.76 13.70
CA MET B 68 -12.52 -33.68 14.65
C MET B 68 -11.76 -32.38 14.44
N PHE B 69 -11.73 -31.54 15.47
CA PHE B 69 -10.98 -30.29 15.44
C PHE B 69 -9.85 -30.36 16.47
N CYS B 70 -8.95 -29.37 16.40
CA CYS B 70 -7.88 -29.29 17.38
C CYS B 70 -8.46 -29.23 18.78
N LEU B 71 -7.86 -30.00 19.68
CA LEU B 71 -8.30 -29.94 21.06
C LEU B 71 -7.76 -28.69 21.73
N ALA B 72 -8.59 -28.09 22.58
CA ALA B 72 -8.25 -26.81 23.21
C ALA B 72 -6.97 -26.89 24.01
N ARG B 73 -6.69 -28.04 24.61
CA ARG B 73 -5.49 -28.19 25.44
C ARG B 73 -4.21 -27.87 24.69
N TYR B 74 -4.16 -28.20 23.40
CA TYR B 74 -2.94 -28.11 22.60
C TYR B 74 -3.09 -27.08 21.48
N LEU B 75 -4.09 -26.19 21.57
CA LEU B 75 -4.46 -25.39 20.42
C LEU B 75 -3.38 -24.39 20.06
N LYS B 76 -2.87 -23.64 21.03
CA LYS B 76 -1.92 -22.57 20.70
C LYS B 76 -0.67 -23.13 20.05
N GLN B 77 -0.14 -24.24 20.57
CA GLN B 77 1.06 -24.82 20.00
C GLN B 77 0.79 -25.47 18.64
N ASN B 78 -0.40 -26.04 18.45
CA ASN B 78 -0.70 -26.60 17.13
C ASN B 78 -0.75 -25.48 16.08
N LEU B 79 -1.25 -24.31 16.47
CA LEU B 79 -1.32 -23.17 15.55
C LEU B 79 0.08 -22.73 15.15
N GLU B 80 1.04 -22.80 16.08
CA GLU B 80 2.43 -22.51 15.72
C GLU B 80 2.93 -23.48 14.65
N ILE B 81 2.59 -24.77 14.78
CA ILE B 81 3.02 -25.74 13.77
C ILE B 81 2.42 -25.38 12.41
N ILE B 82 1.15 -24.98 12.38
CA ILE B 82 0.52 -24.58 11.13
C ILE B 82 1.22 -23.35 10.57
N ASP B 83 1.63 -22.42 11.46
CA ASP B 83 2.34 -21.23 11.00
C ASP B 83 3.59 -21.58 10.19
N ASN B 84 4.28 -22.68 10.53
CA ASN B 84 5.54 -22.91 9.84
C ASN B 84 5.38 -23.74 8.56
N MET B 85 4.17 -24.21 8.25
CA MET B 85 3.90 -24.72 6.90
C MET B 85 4.19 -23.61 5.90
N LYS B 86 4.69 -23.98 4.74
CA LYS B 86 5.01 -22.98 3.73
C LYS B 86 3.76 -22.68 2.92
N HIS B 87 3.71 -21.46 2.37
CA HIS B 87 2.59 -21.03 1.55
C HIS B 87 3.08 -20.29 0.32
N ASP B 88 4.01 -20.91 -0.42
CA ASP B 88 4.53 -20.31 -1.64
C ASP B 88 3.75 -20.72 -2.87
N THR B 89 3.27 -21.96 -2.91
CA THR B 89 2.60 -22.52 -4.07
C THR B 89 1.11 -22.66 -3.80
N PHE B 90 0.32 -22.61 -4.89
CA PHE B 90 -1.12 -22.84 -4.75
C PHE B 90 -1.40 -24.09 -3.93
N ASP B 91 -0.64 -25.16 -4.19
CA ASP B 91 -0.88 -26.40 -3.48
C ASP B 91 -0.59 -26.25 -1.99
N GLN B 92 0.53 -25.60 -1.65
CA GLN B 92 0.85 -25.31 -0.26
C GLN B 92 -0.25 -24.48 0.39
N ILE B 93 -0.66 -23.41 -0.29
CA ILE B 93 -1.60 -22.45 0.27
C ILE B 93 -2.91 -23.13 0.65
N ILE B 94 -3.45 -23.98 -0.24
CA ILE B 94 -4.67 -24.68 0.13
C ILE B 94 -4.41 -25.68 1.26
N ASP B 95 -3.23 -26.32 1.28
CA ASP B 95 -2.89 -27.16 2.43
C ASP B 95 -2.99 -26.37 3.74
N LYS B 96 -2.42 -25.17 3.76
CA LYS B 96 -2.45 -24.38 4.98
C LYS B 96 -3.89 -24.03 5.36
N TYR B 97 -4.66 -23.57 4.38
CA TYR B 97 -6.08 -23.29 4.61
C TYR B 97 -6.79 -24.51 5.18
N VAL B 98 -6.55 -25.70 4.61
CA VAL B 98 -7.22 -26.90 5.08
C VAL B 98 -6.83 -27.20 6.53
N GLU B 99 -5.53 -27.23 6.82
CA GLU B 99 -5.08 -27.54 8.18
C GLU B 99 -5.60 -26.52 9.20
N MET B 100 -5.74 -25.25 8.81
CA MET B 100 -6.21 -24.26 9.77
C MET B 100 -7.71 -24.41 10.02
N ASN B 101 -8.47 -24.78 8.99
CA ASN B 101 -9.88 -25.05 9.19
C ASN B 101 -10.07 -26.21 10.16
N ILE B 102 -9.28 -27.26 9.97
CA ILE B 102 -9.27 -28.39 10.89
C ILE B 102 -9.02 -27.92 12.30
N CYS B 103 -8.04 -27.03 12.50
CA CYS B 103 -7.75 -26.60 13.86
C CYS B 103 -8.89 -25.76 14.45
N HIS B 104 -9.53 -24.91 13.63
CA HIS B 104 -10.75 -24.22 14.04
C HIS B 104 -10.55 -23.41 15.32
N PRO B 105 -9.62 -22.45 15.33
CA PRO B 105 -9.15 -21.90 16.61
C PRO B 105 -10.12 -20.94 17.29
N PHE B 106 -11.19 -20.50 16.66
CA PHE B 106 -12.11 -19.58 17.32
C PHE B 106 -13.38 -20.30 17.75
N ARG B 107 -14.03 -19.70 18.75
CA ARG B 107 -15.34 -20.17 19.20
C ARG B 107 -16.38 -20.04 18.09
N GLU B 108 -16.36 -18.93 17.37
CA GLU B 108 -17.21 -18.68 16.22
C GLU B 108 -16.48 -17.73 15.28
N GLY B 109 -16.96 -17.64 14.04
CA GLY B 109 -16.39 -16.75 13.04
C GLY B 109 -15.24 -17.34 12.24
N ASN B 110 -14.92 -18.62 12.44
CA ASN B 110 -13.84 -19.27 11.70
C ASN B 110 -14.03 -19.13 10.19
N GLY B 111 -15.25 -19.40 9.70
CA GLY B 111 -15.46 -19.54 8.27
C GLY B 111 -15.25 -18.23 7.52
N ARG B 112 -15.95 -17.18 7.95
CA ARG B 112 -15.83 -15.88 7.29
C ARG B 112 -14.43 -15.30 7.44
N SER B 113 -13.81 -15.42 8.61
CA SER B 113 -12.51 -14.78 8.80
C SER B 113 -11.41 -15.49 8.00
N MET B 114 -11.48 -16.83 7.92
CA MET B 114 -10.48 -17.59 7.17
C MET B 114 -10.60 -17.40 5.66
N ARG B 115 -11.79 -17.09 5.15
CA ARG B 115 -11.88 -16.85 3.71
C ARG B 115 -11.27 -15.50 3.32
N ILE B 116 -11.40 -14.48 4.17
CA ILE B 116 -10.66 -13.23 3.93
C ILE B 116 -9.16 -13.52 3.99
N TRP B 117 -8.76 -14.34 4.97
CA TRP B 117 -7.37 -14.70 5.20
C TRP B 117 -6.79 -15.49 4.05
N LEU B 118 -7.56 -16.43 3.50
CA LEU B 118 -7.10 -17.17 2.33
C LEU B 118 -6.82 -16.23 1.17
N ASP B 119 -7.76 -15.32 0.91
CA ASP B 119 -7.63 -14.38 -0.20
C ASP B 119 -6.35 -13.59 -0.08
N LEU B 120 -6.00 -13.12 1.12
CA LEU B 120 -4.79 -12.34 1.26
C LEU B 120 -3.55 -13.17 0.95
N ILE B 121 -3.52 -14.44 1.35
CA ILE B 121 -2.37 -15.30 1.00
C ILE B 121 -2.26 -15.42 -0.52
N LEU B 122 -3.38 -15.72 -1.19
CA LEU B 122 -3.39 -15.86 -2.65
C LEU B 122 -3.01 -14.56 -3.34
N LYS B 123 -3.47 -13.42 -2.81
CA LYS B 123 -3.17 -12.12 -3.42
C LYS B 123 -1.68 -11.87 -3.38
N LYS B 124 -1.06 -12.09 -2.22
CA LYS B 124 0.34 -11.76 -2.01
C LYS B 124 1.26 -12.71 -2.77
N GLN B 125 0.93 -13.99 -2.82
CA GLN B 125 1.82 -15.02 -3.34
C GLN B 125 1.57 -15.34 -4.81
N LEU B 126 0.35 -15.13 -5.32
CA LEU B 126 0.00 -15.51 -6.68
C LEU B 126 -0.74 -14.44 -7.47
N ASN B 127 -0.91 -13.23 -6.92
CA ASN B 127 -1.66 -12.15 -7.58
C ASN B 127 -3.04 -12.59 -8.03
N VAL B 128 -3.70 -13.45 -7.26
CA VAL B 128 -5.10 -13.81 -7.50
C VAL B 128 -5.85 -13.85 -6.18
N VAL B 129 -7.19 -13.89 -6.26
CA VAL B 129 -8.04 -14.22 -5.13
C VAL B 129 -9.13 -15.16 -5.64
N VAL B 130 -9.81 -15.80 -4.69
CA VAL B 130 -10.91 -16.68 -5.04
C VAL B 130 -12.11 -15.86 -5.50
N ASN B 131 -12.72 -16.28 -6.62
CA ASN B 131 -13.96 -15.68 -7.10
C ASN B 131 -15.16 -16.45 -6.50
N TRP B 132 -15.35 -16.27 -5.19
CA TRP B 132 -16.35 -17.05 -4.45
C TRP B 132 -17.74 -16.95 -5.06
N THR B 133 -18.03 -15.88 -5.80
CA THR B 133 -19.38 -15.70 -6.33
C THR B 133 -19.78 -16.85 -7.26
N ASN B 134 -18.81 -17.54 -7.87
CA ASN B 134 -19.08 -18.64 -8.77
C ASN B 134 -18.90 -20.01 -8.12
N ILE B 135 -18.58 -20.06 -6.83
CA ILE B 135 -18.48 -21.32 -6.09
C ILE B 135 -19.75 -21.46 -5.26
N ASN B 136 -20.60 -22.41 -5.62
CA ASN B 136 -21.89 -22.56 -4.98
C ASN B 136 -21.75 -23.11 -3.57
N LYS B 137 -22.79 -22.88 -2.77
CA LYS B 137 -22.73 -23.23 -1.36
C LYS B 137 -22.56 -24.74 -1.17
N ASP B 138 -23.37 -25.54 -1.89
CA ASP B 138 -23.30 -26.99 -1.73
C ASP B 138 -21.92 -27.53 -2.07
N GLU B 139 -21.39 -27.14 -3.23
CA GLU B 139 -20.09 -27.67 -3.64
C GLU B 139 -18.98 -27.25 -2.69
N TYR B 140 -19.07 -26.04 -2.12
CA TYR B 140 -18.01 -25.54 -1.25
C TYR B 140 -18.02 -26.27 0.09
N LEU B 141 -19.18 -26.33 0.74
CA LEU B 141 -19.23 -26.97 2.07
C LEU B 141 -18.90 -28.45 1.98
N LEU B 142 -19.28 -29.11 0.88
CA LEU B 142 -18.93 -30.51 0.70
C LEU B 142 -17.43 -30.67 0.57
N ALA B 143 -16.78 -29.81 -0.22
CA ALA B 143 -15.35 -29.91 -0.38
C ALA B 143 -14.63 -29.59 0.92
N MET B 144 -15.20 -28.71 1.73
CA MET B 144 -14.62 -28.40 3.02
C MET B 144 -14.68 -29.60 3.95
N ILE B 145 -15.85 -30.25 4.05
CA ILE B 145 -15.97 -31.46 4.86
C ILE B 145 -15.03 -32.53 4.36
N ASN B 146 -15.07 -32.79 3.04
CA ASN B 146 -14.21 -33.80 2.44
C ASN B 146 -12.73 -33.51 2.62
N SER B 147 -12.36 -32.24 2.81
CA SER B 147 -10.94 -31.94 2.96
C SER B 147 -10.37 -32.50 4.26
N LEU B 148 -11.21 -32.92 5.20
CA LEU B 148 -10.71 -33.61 6.38
C LEU B 148 -9.94 -34.86 5.98
N ILE B 149 -10.43 -35.56 4.97
CA ILE B 149 -9.85 -36.80 4.46
C ILE B 149 -8.92 -36.45 3.30
N ASP B 150 -9.50 -35.88 2.25
CA ASP B 150 -8.80 -35.60 1.00
C ASP B 150 -9.25 -34.24 0.49
N SER B 151 -8.29 -33.32 0.32
CA SER B 151 -8.58 -31.97 -0.13
C SER B 151 -8.39 -31.79 -1.63
N THR B 152 -8.48 -32.86 -2.41
CA THR B 152 -8.31 -32.73 -3.85
C THR B 152 -9.45 -31.94 -4.46
N ASN B 153 -10.68 -32.28 -4.07
CA ASN B 153 -11.86 -31.56 -4.53
C ASN B 153 -11.75 -30.06 -4.25
N LEU B 154 -11.40 -29.70 -3.01
CA LEU B 154 -11.31 -28.29 -2.61
C LEU B 154 -10.28 -27.56 -3.46
N LYS B 155 -9.10 -28.16 -3.66
CA LYS B 155 -8.08 -27.54 -4.51
C LYS B 155 -8.59 -27.29 -5.92
N LEU B 156 -9.32 -28.26 -6.48
CA LEU B 156 -9.83 -28.14 -7.84
C LEU B 156 -10.87 -27.04 -7.95
N LEU B 157 -11.88 -27.09 -7.08
CA LEU B 157 -12.96 -26.11 -7.11
C LEU B 157 -12.42 -24.68 -7.02
N ILE B 158 -11.34 -24.49 -6.25
CA ILE B 158 -10.77 -23.16 -6.06
C ILE B 158 -9.90 -22.77 -7.24
N LYS B 159 -9.04 -23.69 -7.70
CA LYS B 159 -8.21 -23.41 -8.88
C LYS B 159 -9.06 -23.00 -10.07
N ASN B 160 -10.21 -23.65 -10.26
CA ASN B 160 -11.11 -23.33 -11.35
C ASN B 160 -11.87 -22.02 -11.15
N ASN B 161 -11.64 -21.28 -10.06
CA ASN B 161 -12.45 -20.08 -9.80
C ASN B 161 -11.57 -18.96 -9.23
N LEU B 162 -10.35 -18.86 -9.71
CA LEU B 162 -9.49 -17.76 -9.31
C LEU B 162 -9.66 -16.58 -10.27
N THR B 163 -9.41 -15.38 -9.75
CA THR B 163 -9.51 -14.16 -10.55
C THR B 163 -8.32 -13.30 -10.24
N ASN B 164 -7.84 -12.59 -11.26
CA ASN B 164 -6.75 -11.64 -11.08
C ASN B 164 -7.25 -10.24 -10.68
N LYS B 165 -8.55 -10.07 -10.49
CA LYS B 165 -9.10 -8.79 -10.05
C LYS B 165 -8.94 -8.64 -8.53
N ILE B 166 -7.69 -8.47 -8.12
CA ILE B 166 -7.31 -8.43 -6.72
C ILE B 166 -7.30 -7.03 -6.13
N THR B 167 -7.48 -5.99 -6.95
CA THR B 167 -7.60 -4.61 -6.49
C THR B 167 -8.97 -4.05 -6.80
N ASP B 168 -9.95 -4.93 -7.00
CA ASP B 168 -11.31 -4.57 -7.37
C ASP B 168 -12.19 -4.64 -6.11
N ARG B 169 -12.63 -3.47 -5.63
CA ARG B 169 -13.43 -3.41 -4.41
C ARG B 169 -14.78 -4.12 -4.55
N ASN B 170 -15.40 -4.05 -5.74
CA ASN B 170 -16.69 -4.72 -5.95
C ASN B 170 -16.57 -6.24 -5.93
N VAL B 171 -15.44 -6.79 -6.39
CA VAL B 171 -15.20 -8.22 -6.27
C VAL B 171 -15.06 -8.60 -4.82
N TYR B 172 -14.32 -7.80 -4.05
CA TYR B 172 -14.26 -7.94 -2.61
C TYR B 172 -15.65 -7.98 -1.98
N ILE B 173 -16.54 -7.09 -2.43
CA ILE B 173 -17.89 -7.10 -1.88
C ILE B 173 -18.62 -8.38 -2.28
N LYS B 174 -18.50 -8.79 -3.55
CA LYS B 174 -19.11 -10.03 -3.98
C LYS B 174 -18.61 -11.22 -3.16
N SER B 175 -17.39 -11.15 -2.65
CA SER B 175 -16.89 -12.26 -1.83
C SER B 175 -17.40 -12.18 -0.40
N ILE B 176 -17.68 -10.98 0.12
CA ILE B 176 -18.37 -10.89 1.41
C ILE B 176 -19.75 -11.51 1.29
N ILE B 177 -20.49 -11.16 0.23
CA ILE B 177 -21.86 -11.63 0.06
C ILE B 177 -21.91 -13.15 0.06
N LYS B 178 -21.03 -13.79 -0.70
CA LYS B 178 -21.08 -15.23 -0.83
C LYS B 178 -20.56 -15.91 0.43
N SER B 179 -19.52 -15.34 1.05
CA SER B 179 -18.97 -15.92 2.27
C SER B 179 -20.03 -16.02 3.36
N TYR B 180 -20.87 -15.00 3.48
CA TYR B 180 -21.94 -15.09 4.47
C TYR B 180 -23.05 -16.03 4.02
N GLU B 181 -23.26 -16.18 2.70
CA GLU B 181 -24.21 -17.19 2.22
C GLU B 181 -23.79 -18.58 2.66
N TYR B 182 -22.50 -18.85 2.68
CA TYR B 182 -22.02 -20.16 3.07
C TYR B 182 -22.38 -20.45 4.51
N GLU B 183 -22.48 -19.42 5.32
CA GLU B 183 -22.83 -19.59 6.71
C GLU B 183 -24.31 -19.43 6.95
N GLY B 184 -25.09 -19.37 5.89
CA GLY B 184 -26.53 -19.29 6.03
C GLY B 184 -27.10 -17.91 6.25
N PHE B 185 -26.36 -16.84 5.95
CA PHE B 185 -26.87 -15.49 6.11
C PHE B 185 -26.94 -14.80 4.75
N LYS B 186 -28.12 -14.27 4.45
CA LYS B 186 -28.35 -13.52 3.22
C LYS B 186 -28.22 -12.03 3.54
N ILE B 187 -27.18 -11.39 3.03
CA ILE B 187 -26.88 -9.99 3.28
C ILE B 187 -26.99 -9.26 1.95
N ASN B 188 -26.98 -7.92 1.97
CA ASN B 188 -27.01 -7.16 0.73
C ASN B 188 -26.16 -5.90 0.72
N ILE B 189 -26.09 -5.19 -0.42
CA ILE B 189 -25.21 -4.02 -0.63
C ILE B 189 -23.91 -4.61 -0.27
N LYS B 190 -23.30 -4.03 0.72
CA LYS B 190 -22.10 -4.55 1.23
C LYS B 190 -22.23 -6.04 1.42
N GLU C 8 6.23 -24.98 -40.68
CA GLU C 8 6.18 -23.92 -39.67
C GLU C 8 6.45 -24.50 -38.29
N GLU C 9 5.77 -25.59 -37.94
CA GLU C 9 5.94 -26.14 -36.61
C GLU C 9 7.37 -26.62 -36.39
N PHE C 10 8.09 -26.96 -37.46
CA PHE C 10 9.51 -27.22 -37.30
C PHE C 10 10.24 -25.93 -36.91
N GLU C 11 9.91 -24.82 -37.56
CA GLU C 11 10.56 -23.55 -37.26
C GLU C 11 10.32 -23.13 -35.82
N ILE C 12 9.06 -23.16 -35.38
CA ILE C 12 8.74 -22.84 -33.98
C ILE C 12 9.61 -23.67 -33.05
N ASN C 13 9.63 -24.99 -33.26
CA ASN C 13 10.39 -25.91 -32.41
C ASN C 13 11.88 -25.69 -32.52
N LEU C 14 12.38 -25.31 -33.70
CA LEU C 14 13.81 -25.05 -33.85
C LEU C 14 14.22 -23.82 -33.03
N SER C 15 13.41 -22.75 -33.07
CA SER C 15 13.73 -21.57 -32.28
C SER C 15 13.72 -21.89 -30.79
N VAL C 16 12.79 -22.73 -30.34
CA VAL C 16 12.80 -23.15 -28.94
C VAL C 16 14.08 -23.92 -28.61
N LYS C 17 14.49 -24.83 -29.49
CA LYS C 17 15.77 -25.52 -29.33
C LYS C 17 16.92 -24.52 -29.22
N HIS C 18 16.88 -23.47 -30.03
CA HIS C 18 17.90 -22.43 -29.93
C HIS C 18 17.86 -21.75 -28.57
N LEU C 19 16.66 -21.50 -28.01
CA LEU C 19 16.56 -20.79 -26.74
C LEU C 19 17.16 -21.60 -25.60
N LEU C 20 17.01 -22.92 -25.65
CA LEU C 20 17.63 -23.74 -24.62
C LEU C 20 19.13 -23.83 -24.80
N GLU C 21 19.61 -23.85 -26.03
CA GLU C 21 21.05 -23.79 -26.27
C GLU C 21 21.64 -22.55 -25.64
N LEU C 22 20.97 -21.40 -25.81
CA LEU C 22 21.44 -20.16 -25.21
C LEU C 22 21.59 -20.29 -23.71
N TRP C 23 20.64 -20.96 -23.07
CA TRP C 23 20.78 -21.19 -21.64
C TRP C 23 21.87 -22.22 -21.37
N ASP C 24 21.77 -23.39 -22.02
CA ASP C 24 22.63 -24.52 -21.68
C ASP C 24 24.09 -24.28 -22.04
N LYS C 25 24.37 -23.50 -23.09
CA LYS C 25 25.75 -23.16 -23.45
C LYS C 25 26.28 -21.94 -22.73
N ASN C 26 25.47 -21.32 -21.86
CA ASN C 26 25.79 -20.05 -21.22
C ASN C 26 26.14 -18.96 -22.22
N LEU C 27 25.47 -18.99 -23.36
CA LEU C 27 25.62 -17.89 -24.30
C LEU C 27 24.87 -16.64 -23.83
N LEU C 28 23.74 -16.79 -23.14
CA LEU C 28 22.94 -15.64 -22.75
C LEU C 28 23.77 -14.55 -22.09
N ASN C 29 24.61 -14.92 -21.12
CA ASN C 29 25.36 -13.90 -20.38
C ASN C 29 26.49 -13.27 -21.20
N THR C 30 26.79 -13.83 -22.38
CA THR C 30 27.69 -13.24 -23.38
C THR C 30 27.15 -11.94 -23.98
N PHE C 31 25.84 -11.76 -23.99
CA PHE C 31 25.24 -10.72 -24.80
C PHE C 31 25.21 -9.40 -24.05
N GLU C 32 25.34 -8.32 -24.83
CA GLU C 32 25.26 -6.97 -24.30
C GLU C 32 23.91 -6.75 -23.61
N ILE C 33 23.94 -6.04 -22.49
CA ILE C 33 22.77 -5.81 -21.66
C ILE C 33 22.10 -4.49 -22.06
N GLY C 34 20.79 -4.55 -22.30
CA GLY C 34 19.96 -3.37 -22.48
C GLY C 34 20.19 -2.52 -23.72
N THR C 35 20.81 -3.07 -24.78
CA THR C 35 21.04 -2.34 -26.02
C THR C 35 20.41 -3.09 -27.19
N PHE C 36 20.17 -2.37 -28.28
CA PHE C 36 19.71 -3.07 -29.48
C PHE C 36 20.70 -4.14 -29.93
N LYS C 37 21.99 -3.86 -29.75
CA LYS C 37 23.02 -4.85 -30.06
C LYS C 37 22.79 -6.15 -29.29
N GLY C 38 22.58 -6.07 -27.98
CA GLY C 38 22.25 -7.26 -27.22
C GLY C 38 20.99 -7.95 -27.73
N LEU C 39 19.98 -7.17 -28.11
CA LEU C 39 18.73 -7.75 -28.59
C LEU C 39 18.95 -8.52 -29.89
N SER C 40 19.65 -7.92 -30.83
CA SER C 40 19.87 -8.62 -32.10
C SER C 40 20.74 -9.85 -31.91
N GLN C 41 21.68 -9.82 -30.95
CA GLN C 41 22.42 -11.03 -30.61
C GLN C 41 21.45 -12.16 -30.27
N ILE C 42 20.47 -11.84 -29.42
CA ILE C 42 19.45 -12.83 -29.07
C ILE C 42 18.66 -13.23 -30.31
N HIS C 43 18.16 -12.24 -31.06
CA HIS C 43 17.33 -12.52 -32.22
C HIS C 43 18.12 -13.23 -33.33
N SER C 44 19.42 -12.97 -33.43
CA SER C 44 20.24 -13.64 -34.45
C SER C 44 20.37 -15.12 -34.14
N TYR C 45 20.75 -15.46 -32.90
CA TYR C 45 20.89 -16.87 -32.54
C TYR C 45 19.55 -17.58 -32.57
N MET C 46 18.54 -16.94 -31.99
CA MET C 46 17.20 -17.50 -31.91
C MET C 46 16.70 -18.02 -33.26
N PHE C 47 16.68 -17.15 -34.27
CA PHE C 47 16.03 -17.48 -35.53
C PHE C 47 17.05 -17.82 -36.63
N LYS C 48 18.12 -18.55 -36.27
CA LYS C 48 19.28 -18.68 -37.13
C LYS C 48 18.91 -19.24 -38.49
N ASP C 49 18.36 -20.44 -38.56
CA ASP C 49 18.01 -21.04 -39.84
C ASP C 49 16.53 -20.88 -40.17
N ILE C 50 15.92 -19.80 -39.68
CA ILE C 50 14.48 -19.64 -39.67
C ILE C 50 14.06 -18.37 -40.39
N PHE C 51 14.79 -17.28 -40.16
CA PHE C 51 14.56 -15.99 -40.80
C PHE C 51 15.86 -15.53 -41.46
N ASP C 52 15.75 -15.10 -42.73
CA ASP C 52 16.91 -14.55 -43.44
C ASP C 52 17.43 -13.29 -42.76
N PHE C 53 16.53 -12.56 -42.13
CA PHE C 53 16.82 -11.30 -41.47
C PHE C 53 17.17 -11.47 -39.98
N ASN C 54 17.53 -12.68 -39.56
CA ASN C 54 17.73 -12.92 -38.13
C ASN C 54 18.81 -12.00 -37.58
N GLY C 55 18.48 -11.32 -36.48
CA GLY C 55 19.38 -10.33 -35.92
C GLY C 55 19.42 -9.01 -36.64
N GLN C 56 18.60 -8.78 -37.66
CA GLN C 56 18.74 -7.63 -38.55
C GLN C 56 17.57 -6.67 -38.44
N ILE C 57 17.88 -5.37 -38.37
CA ILE C 57 16.90 -4.31 -38.53
C ILE C 57 16.11 -4.51 -39.82
N ARG C 58 14.80 -4.29 -39.76
CA ARG C 58 13.97 -4.33 -40.96
C ARG C 58 14.12 -3.05 -41.78
N ASN C 59 13.86 -3.16 -43.09
CA ASN C 59 13.91 -2.00 -43.99
C ASN C 59 12.55 -1.59 -44.53
N VAL C 60 11.50 -2.36 -44.27
CA VAL C 60 10.14 -1.98 -44.63
C VAL C 60 9.40 -1.61 -43.36
N ASN C 61 8.46 -0.68 -43.49
CA ASN C 61 7.54 -0.39 -42.40
C ASN C 61 6.65 -1.60 -42.16
N ILE C 62 6.34 -1.86 -40.90
CA ILE C 62 5.38 -2.89 -40.55
C ILE C 62 3.98 -2.32 -40.74
N SER C 63 3.58 -2.12 -42.00
CA SER C 63 2.21 -1.73 -42.33
C SER C 63 1.30 -2.94 -42.16
N LYS C 64 1.07 -3.33 -40.90
CA LYS C 64 0.21 -4.47 -40.63
C LYS C 64 -1.26 -4.05 -40.61
N ASN C 65 -1.62 -3.06 -39.80
CA ASN C 65 -3.00 -2.60 -39.72
C ASN C 65 -3.06 -1.09 -39.58
N ASN C 66 -3.49 -0.62 -38.43
CA ASN C 66 -3.20 0.76 -38.01
C ASN C 66 -2.30 0.72 -36.78
N SER C 67 -1.32 -0.19 -36.82
CA SER C 67 -0.27 -0.30 -35.81
C SER C 67 0.78 0.79 -36.02
N MET C 68 1.25 1.37 -34.92
CA MET C 68 2.02 2.61 -34.92
C MET C 68 3.41 2.36 -34.34
N PHE C 69 4.27 1.74 -35.16
CA PHE C 69 5.66 1.48 -34.80
C PHE C 69 6.58 2.51 -35.47
N CYS C 70 7.87 2.44 -35.16
CA CYS C 70 8.85 3.35 -35.73
C CYS C 70 9.02 3.10 -37.23
N LEU C 71 9.06 4.17 -38.01
CA LEU C 71 9.26 4.06 -39.44
C LEU C 71 10.65 3.49 -39.72
N ALA C 72 10.72 2.61 -40.72
CA ALA C 72 11.98 1.96 -41.09
C ALA C 72 13.09 2.97 -41.35
N ARG C 73 12.77 4.03 -42.10
CA ARG C 73 13.75 5.02 -42.52
C ARG C 73 14.54 5.62 -41.35
N TYR C 74 13.94 5.71 -40.18
CA TYR C 74 14.61 6.34 -39.05
C TYR C 74 14.95 5.32 -37.96
N LEU C 75 14.83 4.03 -38.25
CA LEU C 75 14.86 3.01 -37.22
C LEU C 75 16.24 2.89 -36.56
N LYS C 76 17.30 2.90 -37.35
CA LYS C 76 18.64 2.74 -36.78
C LYS C 76 18.99 3.89 -35.87
N GLN C 77 18.54 5.11 -36.20
CA GLN C 77 18.90 6.24 -35.37
C GLN C 77 18.08 6.27 -34.10
N ASN C 78 16.79 6.03 -34.22
CA ASN C 78 15.95 6.01 -33.03
C ASN C 78 16.39 4.89 -32.09
N LEU C 79 16.98 3.83 -32.66
CA LEU C 79 17.48 2.75 -31.81
C LEU C 79 18.66 3.20 -30.97
N GLU C 80 19.48 4.11 -31.50
CA GLU C 80 20.57 4.63 -30.68
C GLU C 80 20.01 5.49 -29.55
N ILE C 81 18.95 6.23 -29.85
CA ILE C 81 18.27 7.03 -28.83
C ILE C 81 17.75 6.11 -27.72
N ILE C 82 17.12 4.99 -28.10
CA ILE C 82 16.64 4.02 -27.11
C ILE C 82 17.81 3.47 -26.30
N ASP C 83 18.87 3.02 -26.99
CA ASP C 83 20.08 2.57 -26.32
C ASP C 83 20.55 3.56 -25.28
N ASN C 84 20.41 4.85 -25.55
CA ASN C 84 20.94 5.84 -24.63
C ASN C 84 20.11 6.00 -23.35
N MET C 85 18.88 5.51 -23.34
CA MET C 85 18.06 5.55 -22.13
C MET C 85 18.72 4.73 -21.03
N LYS C 86 18.55 5.17 -19.79
CA LYS C 86 19.10 4.48 -18.63
C LYS C 86 18.32 3.20 -18.34
N HIS C 87 18.99 2.23 -17.70
CA HIS C 87 18.31 1.02 -17.24
C HIS C 87 18.85 0.59 -15.88
N ASP C 88 18.90 1.55 -14.95
CA ASP C 88 19.30 1.26 -13.58
C ASP C 88 18.12 0.84 -12.72
N THR C 89 16.99 1.54 -12.80
CA THR C 89 15.85 1.26 -11.95
C THR C 89 14.84 0.40 -12.71
N PHE C 90 13.93 -0.20 -11.94
CA PHE C 90 12.84 -0.95 -12.54
C PHE C 90 12.02 -0.05 -13.48
N ASP C 91 11.72 1.16 -13.02
CA ASP C 91 10.93 2.09 -13.83
C ASP C 91 11.64 2.40 -15.15
N GLN C 92 12.94 2.65 -15.09
CA GLN C 92 13.72 2.93 -16.29
C GLN C 92 13.75 1.73 -17.23
N ILE C 93 13.81 0.54 -16.65
CA ILE C 93 14.00 -0.68 -17.44
C ILE C 93 12.73 -0.99 -18.24
N ILE C 94 11.56 -0.80 -17.65
CA ILE C 94 10.32 -0.99 -18.40
C ILE C 94 10.14 0.12 -19.42
N ASP C 95 10.48 1.36 -19.04
CA ASP C 95 10.45 2.44 -20.03
C ASP C 95 11.25 2.05 -21.27
N LYS C 96 12.44 1.47 -21.09
CA LYS C 96 13.23 1.09 -22.24
C LYS C 96 12.55 -0.04 -23.04
N TYR C 97 11.99 -1.03 -22.33
CA TYR C 97 11.24 -2.11 -22.96
C TYR C 97 10.05 -1.57 -23.76
N VAL C 98 9.35 -0.60 -23.19
CA VAL C 98 8.19 -0.02 -23.87
C VAL C 98 8.62 0.70 -25.14
N GLU C 99 9.62 1.57 -25.05
CA GLU C 99 10.11 2.25 -26.26
C GLU C 99 10.69 1.27 -27.27
N MET C 100 11.36 0.20 -26.79
CA MET C 100 11.90 -0.80 -27.73
C MET C 100 10.80 -1.54 -28.44
N ASN C 101 9.76 -1.93 -27.71
CA ASN C 101 8.65 -2.61 -28.36
C ASN C 101 7.97 -1.69 -29.36
N ILE C 102 7.83 -0.42 -29.02
CA ILE C 102 7.24 0.53 -29.95
C ILE C 102 8.07 0.62 -31.23
N CYS C 103 9.40 0.61 -31.13
CA CYS C 103 10.18 0.67 -32.37
C CYS C 103 10.16 -0.64 -33.14
N HIS C 104 9.94 -1.78 -32.46
CA HIS C 104 9.63 -3.03 -33.13
C HIS C 104 10.65 -3.35 -34.27
N PRO C 105 11.93 -3.45 -33.91
CA PRO C 105 12.94 -3.31 -34.97
C PRO C 105 13.04 -4.48 -35.95
N PHE C 106 12.44 -5.62 -35.65
CA PHE C 106 12.56 -6.80 -36.50
C PHE C 106 11.31 -7.01 -37.34
N ARG C 107 11.52 -7.59 -38.53
CA ARG C 107 10.38 -7.99 -39.34
C ARG C 107 9.46 -8.91 -38.56
N GLU C 108 10.03 -9.88 -37.86
CA GLU C 108 9.26 -10.77 -37.00
C GLU C 108 10.12 -11.17 -35.82
N GLY C 109 9.47 -11.77 -34.83
CA GLY C 109 10.18 -12.23 -33.65
C GLY C 109 10.45 -11.16 -32.61
N ASN C 110 9.74 -10.03 -32.67
CA ASN C 110 9.96 -8.98 -31.68
C ASN C 110 9.53 -9.41 -30.29
N GLY C 111 8.33 -9.97 -30.17
CA GLY C 111 7.81 -10.25 -28.84
C GLY C 111 8.67 -11.22 -28.05
N ARG C 112 9.02 -12.35 -28.67
CA ARG C 112 9.76 -13.39 -27.96
C ARG C 112 11.21 -12.98 -27.71
N SER C 113 11.88 -12.36 -28.69
CA SER C 113 13.27 -12.00 -28.45
C SER C 113 13.38 -10.92 -27.38
N MET C 114 12.43 -9.96 -27.38
CA MET C 114 12.45 -8.87 -26.41
C MET C 114 12.17 -9.35 -24.98
N ARG C 115 11.43 -10.45 -24.81
CA ARG C 115 11.16 -10.90 -23.45
C ARG C 115 12.40 -11.55 -22.84
N ILE C 116 13.15 -12.33 -23.63
CA ILE C 116 14.44 -12.83 -23.14
C ILE C 116 15.35 -11.67 -22.81
N TRP C 117 15.39 -10.68 -23.72
CA TRP C 117 16.22 -9.48 -23.54
C TRP C 117 15.85 -8.71 -22.28
N LEU C 118 14.54 -8.51 -22.03
CA LEU C 118 14.13 -7.81 -20.81
C LEU C 118 14.49 -8.60 -19.55
N ASP C 119 14.34 -9.93 -19.57
CA ASP C 119 14.75 -10.73 -18.41
C ASP C 119 16.24 -10.53 -18.10
N LEU C 120 17.07 -10.42 -19.16
CA LEU C 120 18.51 -10.24 -18.93
C LEU C 120 18.81 -8.88 -18.32
N ILE C 121 18.08 -7.82 -18.71
CA ILE C 121 18.29 -6.53 -18.07
C ILE C 121 17.96 -6.61 -16.59
N LEU C 122 16.76 -7.08 -16.28
CA LEU C 122 16.33 -7.20 -14.90
C LEU C 122 17.28 -8.08 -14.09
N LYS C 123 17.77 -9.18 -14.70
CA LYS C 123 18.65 -10.08 -13.96
C LYS C 123 19.92 -9.37 -13.54
N LYS C 124 20.53 -8.61 -14.46
CA LYS C 124 21.78 -7.93 -14.16
C LYS C 124 21.54 -6.76 -13.21
N GLN C 125 20.47 -6.02 -13.40
CA GLN C 125 20.30 -4.77 -12.67
C GLN C 125 19.55 -4.96 -11.36
N LEU C 126 18.69 -5.96 -11.25
CA LEU C 126 17.89 -6.14 -10.06
C LEU C 126 17.91 -7.56 -9.51
N ASN C 127 18.70 -8.47 -10.10
CA ASN C 127 18.74 -9.89 -9.70
C ASN C 127 17.34 -10.51 -9.63
N VAL C 128 16.49 -10.16 -10.61
CA VAL C 128 15.21 -10.82 -10.75
C VAL C 128 14.99 -11.05 -12.23
N VAL C 129 14.04 -11.93 -12.54
CA VAL C 129 13.45 -12.02 -13.88
C VAL C 129 11.94 -12.06 -13.71
N VAL C 130 11.23 -12.03 -14.84
CA VAL C 130 9.78 -12.04 -14.85
C VAL C 130 9.33 -13.48 -14.81
N ASN C 131 8.42 -13.80 -13.89
CA ASN C 131 7.84 -15.14 -13.84
C ASN C 131 6.65 -15.14 -14.80
N TRP C 132 6.98 -15.21 -16.10
CA TRP C 132 5.98 -15.01 -17.14
C TRP C 132 4.84 -16.02 -17.05
N THR C 133 5.07 -17.18 -16.44
CA THR C 133 4.02 -18.20 -16.45
C THR C 133 2.79 -17.72 -15.68
N ASN C 134 2.97 -16.84 -14.68
CA ASN C 134 1.84 -16.33 -13.93
C ASN C 134 1.19 -15.10 -14.57
N ILE C 135 1.66 -14.67 -15.74
CA ILE C 135 1.10 -13.53 -16.45
C ILE C 135 0.26 -14.07 -17.60
N ASN C 136 -1.06 -13.96 -17.49
CA ASN C 136 -1.93 -14.55 -18.49
C ASN C 136 -1.89 -13.71 -19.77
N LYS C 137 -2.19 -14.37 -20.88
CA LYS C 137 -2.01 -13.75 -22.20
C LYS C 137 -2.89 -12.52 -22.37
N ASP C 138 -4.17 -12.60 -22.00
CA ASP C 138 -5.09 -11.48 -22.18
C ASP C 138 -4.57 -10.21 -21.51
N GLU C 139 -4.18 -10.32 -20.23
CA GLU C 139 -3.74 -9.12 -19.50
C GLU C 139 -2.41 -8.60 -20.05
N TYR C 140 -1.52 -9.50 -20.52
CA TYR C 140 -0.23 -9.07 -21.03
C TYR C 140 -0.39 -8.24 -22.31
N LEU C 141 -1.17 -8.75 -23.27
CA LEU C 141 -1.28 -8.05 -24.54
C LEU C 141 -2.00 -6.72 -24.37
N LEU C 142 -3.01 -6.66 -23.51
CA LEU C 142 -3.67 -5.38 -23.27
C LEU C 142 -2.68 -4.37 -22.70
N ALA C 143 -1.89 -4.78 -21.71
CA ALA C 143 -0.90 -3.87 -21.12
C ALA C 143 0.12 -3.42 -22.15
N MET C 144 0.60 -4.32 -23.01
CA MET C 144 1.57 -3.94 -24.03
C MET C 144 0.95 -2.98 -25.04
N ILE C 145 -0.27 -3.27 -25.47
CA ILE C 145 -0.97 -2.36 -26.38
C ILE C 145 -1.19 -1.01 -25.71
N ASN C 146 -1.61 -1.01 -24.45
CA ASN C 146 -1.91 0.27 -23.82
C ASN C 146 -0.64 1.02 -23.40
N SER C 147 0.50 0.33 -23.36
CA SER C 147 1.73 1.00 -22.97
C SER C 147 2.12 2.10 -23.93
N LEU C 148 1.50 2.14 -25.12
CA LEU C 148 1.73 3.25 -26.05
C LEU C 148 1.12 4.55 -25.54
N ILE C 149 0.10 4.46 -24.71
CA ILE C 149 -0.56 5.66 -24.18
C ILE C 149 -0.16 5.93 -22.73
N ASP C 150 0.05 4.87 -21.95
CA ASP C 150 0.45 4.96 -20.55
C ASP C 150 0.90 3.58 -20.10
N SER C 151 2.10 3.48 -19.53
CA SER C 151 2.71 2.18 -19.28
C SER C 151 2.65 1.79 -17.81
N THR C 152 1.85 2.50 -17.02
CA THR C 152 1.80 2.22 -15.59
C THR C 152 1.22 0.82 -15.30
N ASN C 153 0.16 0.43 -16.01
CA ASN C 153 -0.44 -0.89 -15.78
C ASN C 153 0.55 -2.00 -16.14
N LEU C 154 1.25 -1.84 -17.25
CA LEU C 154 2.28 -2.80 -17.61
C LEU C 154 3.35 -2.90 -16.53
N LYS C 155 3.79 -1.76 -15.98
CA LYS C 155 4.75 -1.81 -14.89
C LYS C 155 4.21 -2.57 -13.70
N LEU C 156 2.92 -2.43 -13.40
CA LEU C 156 2.35 -3.12 -12.23
C LEU C 156 2.27 -4.63 -12.47
N LEU C 157 1.81 -5.02 -13.66
CA LEU C 157 1.72 -6.42 -14.03
C LEU C 157 3.07 -7.12 -13.87
N ILE C 158 4.11 -6.51 -14.43
CA ILE C 158 5.43 -7.13 -14.42
C ILE C 158 6.02 -7.15 -13.01
N LYS C 159 5.95 -6.00 -12.30
CA LYS C 159 6.49 -5.91 -10.94
C LYS C 159 5.87 -6.94 -10.01
N ASN C 160 4.55 -7.17 -10.13
CA ASN C 160 3.88 -8.13 -9.26
C ASN C 160 4.34 -9.55 -9.51
N ASN C 161 5.16 -9.77 -10.53
CA ASN C 161 5.50 -11.11 -10.98
C ASN C 161 7.01 -11.27 -11.13
N LEU C 162 7.79 -10.48 -10.40
CA LEU C 162 9.21 -10.69 -10.37
C LEU C 162 9.51 -11.91 -9.50
N THR C 163 10.60 -12.61 -9.83
CA THR C 163 11.03 -13.76 -9.07
C THR C 163 12.55 -13.72 -8.99
N ASN C 164 13.10 -14.12 -7.85
CA ASN C 164 14.55 -14.09 -7.73
C ASN C 164 15.20 -15.37 -8.22
N LYS C 165 14.42 -16.31 -8.78
CA LYS C 165 14.94 -17.58 -9.29
C LYS C 165 15.63 -17.40 -10.64
N ILE C 166 16.70 -16.58 -10.63
CA ILE C 166 17.35 -16.14 -11.85
C ILE C 166 18.25 -17.19 -12.49
N THR C 167 18.56 -18.28 -11.79
CA THR C 167 19.33 -19.37 -12.37
C THR C 167 18.52 -20.64 -12.47
N ASP C 168 17.21 -20.57 -12.29
CA ASP C 168 16.32 -21.72 -12.34
C ASP C 168 15.93 -22.00 -13.79
N ARG C 169 16.48 -23.09 -14.34
CA ARG C 169 16.21 -23.47 -15.72
C ARG C 169 14.75 -23.87 -15.93
N ASN C 170 14.07 -24.34 -14.88
CA ASN C 170 12.65 -24.69 -15.04
C ASN C 170 11.78 -23.45 -15.16
N VAL C 171 12.12 -22.37 -14.46
CA VAL C 171 11.46 -21.09 -14.66
C VAL C 171 11.71 -20.57 -16.08
N TYR C 172 12.97 -20.69 -16.53
CA TYR C 172 13.31 -20.26 -17.87
C TYR C 172 12.50 -21.00 -18.92
N ILE C 173 12.24 -22.30 -18.68
CA ILE C 173 11.42 -23.11 -19.59
C ILE C 173 9.96 -22.66 -19.55
N LYS C 174 9.43 -22.38 -18.34
CA LYS C 174 8.03 -21.97 -18.29
C LYS C 174 7.83 -20.60 -18.92
N SER C 175 8.80 -19.70 -18.77
CA SER C 175 8.73 -18.44 -19.48
C SER C 175 8.74 -18.64 -20.99
N ILE C 176 9.52 -19.60 -21.49
CA ILE C 176 9.48 -19.87 -22.92
C ILE C 176 8.09 -20.30 -23.34
N ILE C 177 7.49 -21.20 -22.57
CA ILE C 177 6.18 -21.73 -22.95
C ILE C 177 5.15 -20.61 -22.97
N LYS C 178 5.21 -19.73 -21.98
CA LYS C 178 4.22 -18.66 -21.88
C LYS C 178 4.45 -17.62 -22.96
N SER C 179 5.73 -17.27 -23.20
CA SER C 179 6.09 -16.30 -24.22
C SER C 179 5.58 -16.72 -25.59
N TYR C 180 5.59 -18.00 -25.87
CA TYR C 180 5.15 -18.48 -27.16
C TYR C 180 3.63 -18.47 -27.24
N GLU C 181 2.97 -18.65 -26.12
CA GLU C 181 1.52 -18.57 -26.10
C GLU C 181 1.06 -17.15 -26.33
N TYR C 182 1.85 -16.18 -25.89
CA TYR C 182 1.51 -14.80 -26.14
C TYR C 182 1.39 -14.55 -27.63
N GLU C 183 2.14 -15.32 -28.40
CA GLU C 183 2.07 -15.16 -29.83
C GLU C 183 1.24 -16.25 -30.48
N GLY C 184 0.54 -17.03 -29.66
CA GLY C 184 -0.34 -18.05 -30.22
C GLY C 184 0.34 -19.33 -30.68
N PHE C 185 1.48 -19.68 -30.10
CA PHE C 185 2.16 -20.93 -30.41
C PHE C 185 2.04 -21.85 -29.20
N LYS C 186 1.47 -23.04 -29.39
CA LYS C 186 1.32 -24.00 -28.32
C LYS C 186 2.53 -24.93 -28.37
N ILE C 187 3.49 -24.70 -27.50
CA ILE C 187 4.70 -25.50 -27.51
C ILE C 187 4.81 -26.48 -26.34
N ASN C 188 5.72 -27.45 -26.45
CA ASN C 188 5.94 -28.42 -25.37
C ASN C 188 7.37 -28.55 -24.91
N ILE C 189 7.58 -28.68 -23.61
CA ILE C 189 8.91 -28.78 -23.00
C ILE C 189 9.96 -27.81 -23.56
N GLU D 8 -3.57 24.82 41.33
CA GLU D 8 -3.45 23.69 40.42
C GLU D 8 -2.62 24.08 39.20
N GLU D 9 -2.87 25.27 38.68
CA GLU D 9 -2.16 25.70 37.47
C GLU D 9 -0.66 25.88 37.71
N PHE D 10 -0.22 26.06 38.96
CA PHE D 10 1.20 26.00 39.21
C PHE D 10 1.75 24.60 38.95
N GLU D 11 1.11 23.59 39.52
CA GLU D 11 1.61 22.22 39.38
C GLU D 11 1.60 21.78 37.94
N ILE D 12 0.57 22.16 37.20
CA ILE D 12 0.54 21.95 35.76
C ILE D 12 1.80 22.52 35.13
N ASN D 13 2.00 23.83 35.31
CA ASN D 13 3.12 24.52 34.67
C ASN D 13 4.46 23.96 35.10
N LEU D 14 4.56 23.45 36.33
CA LEU D 14 5.86 22.96 36.78
C LEU D 14 6.21 21.63 36.14
N SER D 15 5.22 20.76 35.93
CA SER D 15 5.49 19.52 35.20
C SER D 15 5.92 19.81 33.76
N VAL D 16 5.30 20.81 33.13
CA VAL D 16 5.73 21.21 31.79
C VAL D 16 7.18 21.68 31.79
N LYS D 17 7.55 22.46 32.82
CA LYS D 17 8.94 22.92 32.89
C LYS D 17 9.90 21.76 33.09
N HIS D 18 9.47 20.75 33.86
CA HIS D 18 10.28 19.54 33.98
C HIS D 18 10.43 18.82 32.65
N LEU D 19 9.37 18.80 31.82
CA LEU D 19 9.47 18.15 30.52
C LEU D 19 10.50 18.84 29.63
N LEU D 20 10.57 20.17 29.69
CA LEU D 20 11.56 20.89 28.90
C LEU D 20 12.98 20.67 29.43
N GLU D 21 13.13 20.59 30.76
CA GLU D 21 14.44 20.26 31.32
C GLU D 21 14.91 18.91 30.82
N LEU D 22 13.99 17.96 30.66
CA LEU D 22 14.36 16.63 30.18
C LEU D 22 14.91 16.69 28.77
N TRP D 23 14.35 17.56 27.93
CA TRP D 23 14.90 17.73 26.58
C TRP D 23 16.18 18.54 26.63
N ASP D 24 16.15 19.70 27.31
CA ASP D 24 17.25 20.66 27.23
C ASP D 24 18.50 20.15 27.95
N LYS D 25 18.34 19.38 29.03
CA LYS D 25 19.47 18.77 29.73
C LYS D 25 19.89 17.43 29.15
N ASN D 26 19.23 16.97 28.08
CA ASN D 26 19.53 15.68 27.45
C ASN D 26 19.39 14.53 28.43
N LEU D 27 18.43 14.65 29.36
CA LEU D 27 18.13 13.56 30.28
C LEU D 27 17.33 12.46 29.62
N LEU D 28 16.54 12.77 28.61
CA LEU D 28 15.63 11.79 28.03
C LEU D 28 16.38 10.56 27.53
N ASN D 29 17.51 10.77 26.84
CA ASN D 29 18.25 9.65 26.26
C ASN D 29 19.01 8.83 27.30
N THR D 30 18.90 9.23 28.57
CA THR D 30 19.45 8.53 29.74
C THR D 30 18.58 7.37 30.21
N PHE D 31 17.30 7.40 29.89
CA PHE D 31 16.33 6.52 30.51
C PHE D 31 16.24 5.19 29.79
N GLU D 32 15.91 4.16 30.55
CA GLU D 32 15.78 2.82 29.99
C GLU D 32 14.61 2.81 28.99
N ILE D 33 14.78 2.08 27.90
CA ILE D 33 13.82 2.10 26.80
C ILE D 33 12.81 0.98 26.96
N GLY D 34 11.52 1.32 26.96
CA GLY D 34 10.46 0.34 26.80
C GLY D 34 10.21 -0.57 27.99
N THR D 35 10.57 -0.15 29.20
CA THR D 35 10.35 -0.93 30.40
C THR D 35 9.64 -0.04 31.43
N PHE D 36 9.04 -0.68 32.43
CA PHE D 36 8.40 0.12 33.46
C PHE D 36 9.40 0.98 34.23
N LYS D 37 10.65 0.51 34.36
CA LYS D 37 11.66 1.32 35.01
C LYS D 37 11.88 2.63 34.23
N GLY D 38 12.05 2.53 32.92
CA GLY D 38 12.17 3.74 32.11
C GLY D 38 10.97 4.66 32.29
N LEU D 39 9.76 4.07 32.35
CA LEU D 39 8.57 4.89 32.47
C LEU D 39 8.55 5.61 33.81
N SER D 40 8.91 4.92 34.88
CA SER D 40 8.95 5.54 36.21
C SER D 40 10.05 6.61 36.30
N GLN D 41 11.19 6.40 35.62
CA GLN D 41 12.18 7.46 35.52
C GLN D 41 11.57 8.73 34.95
N ILE D 42 10.81 8.60 33.86
CA ILE D 42 10.11 9.75 33.29
C ILE D 42 9.12 10.31 34.31
N HIS D 43 8.34 9.43 34.94
CA HIS D 43 7.28 9.87 35.85
C HIS D 43 7.88 10.50 37.11
N SER D 44 8.98 9.94 37.61
CA SER D 44 9.65 10.57 38.75
C SER D 44 10.05 12.01 38.44
N TYR D 45 10.80 12.21 37.35
CA TYR D 45 11.29 13.56 37.05
C TYR D 45 10.14 14.51 36.73
N MET D 46 9.13 14.02 36.01
CA MET D 46 8.01 14.87 35.63
C MET D 46 7.35 15.51 36.86
N PHE D 47 6.98 14.70 37.83
CA PHE D 47 6.09 15.14 38.89
C PHE D 47 6.77 15.22 40.25
N LYS D 48 8.03 15.67 40.31
CA LYS D 48 8.84 15.39 41.50
C LYS D 48 8.36 16.17 42.71
N ASP D 49 8.06 17.45 42.58
CA ASP D 49 7.50 18.15 43.72
C ASP D 49 6.04 18.49 43.48
N ILE D 50 5.31 17.54 42.89
CA ILE D 50 3.92 17.70 42.50
C ILE D 50 3.13 16.53 43.09
N PHE D 51 3.70 15.33 43.02
CA PHE D 51 3.06 14.11 43.49
C PHE D 51 4.01 13.36 44.40
N ASP D 52 3.52 12.99 45.60
CA ASP D 52 4.32 12.24 46.55
C ASP D 52 4.76 10.91 45.94
N PHE D 53 3.94 10.37 45.07
CA PHE D 53 4.13 9.07 44.47
C PHE D 53 4.86 9.15 43.13
N ASN D 54 5.56 10.25 42.85
CA ASN D 54 6.25 10.37 41.58
C ASN D 54 7.18 9.17 41.37
N GLY D 55 7.03 8.52 40.21
CA GLY D 55 7.79 7.33 39.93
C GLY D 55 7.33 6.09 40.66
N GLN D 56 6.27 6.17 41.46
CA GLN D 56 5.89 5.09 42.35
C GLN D 56 4.69 4.32 41.79
N ILE D 57 4.81 2.99 41.76
CA ILE D 57 3.66 2.12 41.54
C ILE D 57 2.57 2.43 42.55
N ARG D 58 1.32 2.47 42.10
CA ARG D 58 0.21 2.76 43.01
C ARG D 58 -0.15 1.50 43.80
N ASN D 59 -0.77 1.73 44.96
CA ASN D 59 -1.14 0.64 45.84
C ASN D 59 -2.63 0.52 46.05
N VAL D 60 -3.43 1.38 45.42
CA VAL D 60 -4.88 1.27 45.45
C VAL D 60 -5.39 1.17 44.02
N ASN D 61 -6.55 0.55 43.86
CA ASN D 61 -7.14 0.43 42.54
C ASN D 61 -7.63 1.79 42.05
N ILE D 62 -7.76 1.91 40.74
CA ILE D 62 -7.99 3.21 40.12
C ILE D 62 -9.43 3.62 40.30
N SER D 63 -9.62 4.85 40.82
CA SER D 63 -10.81 5.69 40.73
C SER D 63 -12.16 4.98 40.79
N LYS D 64 -12.85 4.96 39.66
CA LYS D 64 -14.31 4.81 39.65
C LYS D 64 -14.71 4.22 38.31
N ASN D 65 -15.99 4.39 37.94
CA ASN D 65 -16.48 4.13 36.59
C ASN D 65 -16.46 2.65 36.27
N ASN D 66 -16.71 2.31 35.01
CA ASN D 66 -16.48 0.98 34.47
C ASN D 66 -15.09 0.85 33.90
N SER D 67 -14.08 1.35 34.61
CA SER D 67 -12.69 1.29 34.16
C SER D 67 -12.06 0.00 34.69
N MET D 68 -11.35 -0.70 33.82
CA MET D 68 -10.79 -2.01 34.13
C MET D 68 -9.28 -2.01 33.88
N PHE D 69 -8.56 -1.23 34.68
CA PHE D 69 -7.11 -1.26 34.73
C PHE D 69 -6.62 -2.37 35.69
N CYS D 70 -5.33 -2.69 35.60
CA CYS D 70 -4.76 -3.77 36.40
C CYS D 70 -5.03 -3.58 37.88
N LEU D 71 -5.28 -4.69 38.56
CA LEU D 71 -5.46 -4.65 40.00
C LEU D 71 -4.13 -4.31 40.67
N ALA D 72 -4.22 -3.51 41.74
CA ALA D 72 -3.03 -3.02 42.42
C ALA D 72 -2.23 -4.15 43.04
N ARG D 73 -2.91 -5.13 43.65
CA ARG D 73 -2.21 -6.21 44.35
C ARG D 73 -1.31 -7.01 43.41
N TYR D 74 -1.63 -7.08 42.11
CA TYR D 74 -0.79 -7.83 41.19
C TYR D 74 0.01 -6.91 40.26
N LEU D 75 -0.03 -5.61 40.51
CA LEU D 75 0.53 -4.64 39.57
C LEU D 75 2.04 -4.86 39.35
N LYS D 76 2.80 -5.05 40.43
CA LYS D 76 4.25 -5.14 40.29
C LYS D 76 4.64 -6.37 39.48
N GLN D 77 3.90 -7.46 39.60
CA GLN D 77 4.24 -8.65 38.84
C GLN D 77 3.78 -8.56 37.39
N ASN D 78 2.56 -8.07 37.16
CA ASN D 78 2.08 -7.91 35.79
C ASN D 78 2.98 -6.96 34.98
N LEU D 79 3.58 -5.97 35.64
CA LEU D 79 4.48 -5.05 34.94
C LEU D 79 5.73 -5.75 34.45
N GLU D 80 6.20 -6.77 35.16
CA GLU D 80 7.37 -7.50 34.67
C GLU D 80 7.02 -8.29 33.42
N ILE D 81 5.78 -8.80 33.35
CA ILE D 81 5.37 -9.50 32.13
C ILE D 81 5.25 -8.51 30.98
N ILE D 82 4.76 -7.30 31.26
CA ILE D 82 4.72 -6.26 30.23
C ILE D 82 6.14 -5.93 29.77
N ASP D 83 7.07 -5.76 30.72
CA ASP D 83 8.48 -5.53 30.39
C ASP D 83 9.01 -6.59 29.45
N ASN D 84 8.55 -7.83 29.59
CA ASN D 84 9.11 -8.91 28.78
C ASN D 84 8.57 -8.95 27.35
N MET D 85 7.52 -8.19 27.04
CA MET D 85 7.05 -8.14 25.66
C MET D 85 8.12 -7.48 24.79
N LYS D 86 8.21 -7.92 23.53
CA LYS D 86 9.17 -7.37 22.58
C LYS D 86 8.80 -5.93 22.18
N HIS D 87 9.81 -5.15 21.81
CA HIS D 87 9.54 -3.82 21.27
C HIS D 87 10.52 -3.52 20.13
N ASP D 88 10.54 -4.41 19.13
CA ASP D 88 11.33 -4.29 17.91
C ASP D 88 10.56 -3.66 16.76
N THR D 89 9.36 -4.16 16.47
CA THR D 89 8.55 -3.67 15.36
C THR D 89 7.56 -2.61 15.84
N PHE D 90 7.01 -1.87 14.89
CA PHE D 90 5.93 -0.93 15.19
C PHE D 90 4.78 -1.65 15.87
N ASP D 91 4.40 -2.81 15.35
CA ASP D 91 3.25 -3.52 15.90
C ASP D 91 3.51 -3.97 17.32
N GLN D 92 4.75 -4.41 17.61
CA GLN D 92 5.12 -4.79 18.97
C GLN D 92 5.09 -3.58 19.91
N ILE D 93 5.59 -2.43 19.43
CA ILE D 93 5.69 -1.26 20.29
C ILE D 93 4.31 -0.76 20.71
N ILE D 94 3.35 -0.74 19.78
CA ILE D 94 2.00 -0.33 20.17
C ILE D 94 1.35 -1.39 21.06
N ASP D 95 1.56 -2.68 20.75
CA ASP D 95 1.08 -3.71 21.67
C ASP D 95 1.53 -3.44 23.11
N LYS D 96 2.81 -3.10 23.29
CA LYS D 96 3.30 -2.89 24.66
C LYS D 96 2.71 -1.63 25.27
N TYR D 97 2.67 -0.54 24.49
CA TYR D 97 1.97 0.67 24.93
C TYR D 97 0.54 0.37 25.36
N VAL D 98 -0.18 -0.43 24.57
CA VAL D 98 -1.57 -0.76 24.89
C VAL D 98 -1.65 -1.54 26.21
N GLU D 99 -0.80 -2.55 26.39
CA GLU D 99 -0.84 -3.30 27.65
C GLU D 99 -0.39 -2.42 28.81
N MET D 100 0.59 -1.55 28.59
CA MET D 100 1.06 -0.68 29.66
C MET D 100 -0.02 0.28 30.09
N ASN D 101 -0.78 0.82 29.13
CA ASN D 101 -1.87 1.72 29.51
C ASN D 101 -2.98 0.96 30.23
N ILE D 102 -3.25 -0.28 29.81
CA ILE D 102 -4.23 -1.09 30.54
C ILE D 102 -3.84 -1.22 32.01
N CYS D 103 -2.55 -1.45 32.29
CA CYS D 103 -2.12 -1.58 33.68
C CYS D 103 -2.06 -0.27 34.45
N HIS D 104 -1.85 0.87 33.77
CA HIS D 104 -2.10 2.19 34.36
C HIS D 104 -1.38 2.31 35.72
N PRO D 105 -0.05 2.19 35.73
CA PRO D 105 0.64 1.85 36.99
C PRO D 105 0.69 2.95 38.04
N PHE D 106 0.47 4.20 37.67
CA PHE D 106 0.55 5.30 38.63
C PHE D 106 -0.84 5.75 39.06
N ARG D 107 -0.88 6.45 40.19
CA ARG D 107 -2.12 7.06 40.65
C ARG D 107 -2.61 8.12 39.69
N GLU D 108 -1.70 8.99 39.27
CA GLU D 108 -1.99 10.01 38.27
C GLU D 108 -0.79 10.09 37.34
N GLY D 109 -0.98 10.77 36.20
CA GLY D 109 0.13 11.01 35.31
C GLY D 109 0.40 9.90 34.33
N ASN D 110 -0.53 8.96 34.17
CA ASN D 110 -0.31 7.84 33.26
C ASN D 110 -0.28 8.29 31.81
N GLY D 111 -1.26 9.08 31.40
CA GLY D 111 -1.35 9.46 30.00
C GLY D 111 -0.15 10.24 29.51
N ARG D 112 0.21 11.32 30.24
CA ARG D 112 1.28 12.18 29.78
C ARG D 112 2.64 11.50 29.89
N SER D 113 2.89 10.77 30.98
CA SER D 113 4.20 10.13 31.13
C SER D 113 4.39 9.03 30.08
N MET D 114 3.35 8.24 29.82
CA MET D 114 3.47 7.15 28.86
C MET D 114 3.69 7.66 27.44
N ARG D 115 3.27 8.89 27.14
CA ARG D 115 3.44 9.38 25.77
C ARG D 115 4.89 9.77 25.49
N ILE D 116 5.55 10.46 26.43
CA ILE D 116 7.01 10.65 26.32
C ILE D 116 7.71 9.30 26.18
N TRP D 117 7.30 8.33 27.01
CA TRP D 117 7.89 6.99 27.01
C TRP D 117 7.74 6.30 25.67
N LEU D 118 6.55 6.35 25.09
CA LEU D 118 6.33 5.67 23.82
C LEU D 118 7.13 6.35 22.70
N ASP D 119 7.25 7.69 22.75
CA ASP D 119 8.10 8.40 21.79
C ASP D 119 9.56 7.94 21.87
N LEU D 120 10.09 7.71 23.08
CA LEU D 120 11.47 7.24 23.19
C LEU D 120 11.65 5.84 22.63
N ILE D 121 10.64 4.97 22.80
CA ILE D 121 10.75 3.64 22.20
C ILE D 121 10.80 3.76 20.68
N LEU D 122 9.85 4.48 20.10
CA LEU D 122 9.82 4.60 18.65
C LEU D 122 11.07 5.29 18.13
N LYS D 123 11.62 6.26 18.87
CA LYS D 123 12.82 6.95 18.44
C LYS D 123 13.99 6.00 18.31
N LYS D 124 14.23 5.18 19.34
CA LYS D 124 15.37 4.26 19.31
C LYS D 124 15.11 3.12 18.33
N GLN D 125 13.90 2.59 18.31
CA GLN D 125 13.67 1.39 17.52
C GLN D 125 13.44 1.71 16.05
N LEU D 126 12.89 2.89 15.75
CA LEU D 126 12.45 3.19 14.38
C LEU D 126 12.76 4.62 13.93
N ASN D 127 13.52 5.40 14.69
CA ASN D 127 13.90 6.79 14.31
C ASN D 127 12.72 7.65 13.90
N VAL D 128 11.62 7.54 14.66
CA VAL D 128 10.44 8.37 14.47
C VAL D 128 9.88 8.65 15.85
N VAL D 129 9.06 9.70 15.95
CA VAL D 129 8.20 9.92 17.11
C VAL D 129 6.78 10.13 16.60
N VAL D 130 5.84 10.21 17.54
CA VAL D 130 4.46 10.55 17.23
C VAL D 130 4.37 12.07 17.20
N ASN D 131 3.88 12.61 16.09
CA ASN D 131 3.63 14.04 16.01
C ASN D 131 2.22 14.28 16.56
N TRP D 132 2.16 14.31 17.91
CA TRP D 132 0.89 14.32 18.63
C TRP D 132 0.04 15.51 18.26
N THR D 133 0.63 16.62 17.83
CA THR D 133 -0.15 17.80 17.54
C THR D 133 -1.15 17.57 16.40
N ASN D 134 -0.95 16.55 15.57
CA ASN D 134 -1.85 16.23 14.46
C ASN D 134 -2.92 15.22 14.83
N ILE D 135 -2.89 14.68 16.05
CA ILE D 135 -3.88 13.71 16.51
C ILE D 135 -4.86 14.45 17.42
N ASN D 136 -6.12 14.53 17.02
CA ASN D 136 -7.06 15.27 17.83
C ASN D 136 -7.50 14.44 19.05
N LYS D 137 -7.95 15.17 20.07
CA LYS D 137 -8.26 14.60 21.37
C LYS D 137 -9.35 13.52 21.27
N ASP D 138 -10.38 13.76 20.49
CA ASP D 138 -11.48 12.83 20.41
C ASP D 138 -11.08 11.51 19.79
N GLU D 139 -10.37 11.58 18.68
CA GLU D 139 -9.92 10.38 18.04
C GLU D 139 -8.90 9.63 18.90
N TYR D 140 -8.05 10.35 19.60
CA TYR D 140 -7.04 9.69 20.42
C TYR D 140 -7.70 8.90 21.55
N LEU D 141 -8.51 9.58 22.37
CA LEU D 141 -9.11 8.93 23.52
C LEU D 141 -10.04 7.80 23.08
N LEU D 142 -10.68 7.94 21.90
CA LEU D 142 -11.48 6.83 21.39
C LEU D 142 -10.60 5.64 21.03
N ALA D 143 -9.47 5.91 20.38
CA ALA D 143 -8.56 4.83 20.01
C ALA D 143 -8.02 4.12 21.26
N MET D 144 -7.68 4.89 22.31
CA MET D 144 -7.13 4.30 23.52
C MET D 144 -8.17 3.42 24.22
N ILE D 145 -9.41 3.93 24.35
CA ILE D 145 -10.46 3.16 24.99
C ILE D 145 -10.75 1.91 24.18
N ASN D 146 -10.81 2.02 22.86
CA ASN D 146 -11.13 0.86 22.03
C ASN D 146 -9.98 -0.14 21.95
N SER D 147 -8.76 0.28 22.25
CA SER D 147 -7.62 -0.63 22.20
C SER D 147 -7.78 -1.80 23.16
N LEU D 148 -8.67 -1.66 24.15
CA LEU D 148 -8.96 -2.78 25.04
C LEU D 148 -9.61 -3.92 24.29
N ILE D 149 -10.38 -3.63 23.24
CA ILE D 149 -11.06 -4.67 22.45
C ILE D 149 -10.28 -5.02 21.19
N ASP D 150 -9.72 -4.01 20.55
CA ASP D 150 -8.93 -4.19 19.34
C ASP D 150 -8.13 -2.91 19.11
N SER D 151 -6.84 -3.07 18.87
CA SER D 151 -5.89 -1.97 18.83
C SER D 151 -5.50 -1.59 17.41
N THR D 152 -6.16 -2.14 16.39
CA THR D 152 -5.76 -1.83 15.02
C THR D 152 -6.00 -0.34 14.70
N ASN D 153 -7.14 0.21 15.09
CA ASN D 153 -7.40 1.62 14.87
C ASN D 153 -6.34 2.49 15.54
N LEU D 154 -5.98 2.15 16.79
CA LEU D 154 -4.93 2.92 17.45
C LEU D 154 -3.64 2.86 16.67
N LYS D 155 -3.28 1.66 16.19
CA LYS D 155 -2.07 1.51 15.40
C LYS D 155 -2.13 2.32 14.12
N LEU D 156 -3.30 2.37 13.46
CA LEU D 156 -3.47 3.19 12.25
C LEU D 156 -3.33 4.67 12.55
N LEU D 157 -3.96 5.13 13.65
CA LEU D 157 -3.91 6.54 14.01
C LEU D 157 -2.48 6.98 14.28
N ILE D 158 -1.72 6.17 15.01
CA ILE D 158 -0.36 6.57 15.37
C ILE D 158 0.58 6.49 14.17
N LYS D 159 0.53 5.38 13.42
CA LYS D 159 1.41 5.23 12.26
C LYS D 159 1.18 6.34 11.23
N ASN D 160 -0.08 6.66 10.94
CA ASN D 160 -0.36 7.75 10.01
C ASN D 160 0.25 9.06 10.47
N ASN D 161 0.59 9.17 11.76
CA ASN D 161 0.97 10.46 12.34
C ASN D 161 2.40 10.49 12.82
N LEU D 162 3.23 9.57 12.34
CA LEU D 162 4.62 9.55 12.74
C LEU D 162 5.36 10.69 12.04
N THR D 163 6.45 11.13 12.68
CA THR D 163 7.34 12.12 12.11
C THR D 163 8.78 11.71 12.41
N ASN D 164 9.67 12.00 11.46
CA ASN D 164 11.09 11.71 11.59
C ASN D 164 11.86 12.88 12.20
N LYS D 165 11.17 13.94 12.60
CA LYS D 165 11.82 15.10 13.22
C LYS D 165 12.12 14.84 14.70
N ILE D 166 12.93 13.79 14.93
CA ILE D 166 13.15 13.27 16.27
C ILE D 166 14.05 14.13 17.13
N THR D 167 14.77 15.09 16.54
CA THR D 167 15.57 16.03 17.30
C THR D 167 15.01 17.44 17.24
N ASP D 168 13.77 17.60 16.80
CA ASP D 168 13.19 18.91 16.59
C ASP D 168 12.55 19.37 17.89
N ARG D 169 13.08 20.45 18.46
CA ARG D 169 12.59 20.88 19.77
C ARG D 169 11.16 21.41 19.69
N ASN D 170 10.79 22.00 18.55
CA ASN D 170 9.44 22.57 18.45
C ASN D 170 8.39 21.48 18.28
N VAL D 171 8.75 20.35 17.68
CA VAL D 171 7.84 19.21 17.65
C VAL D 171 7.60 18.68 19.07
N TYR D 172 8.67 18.64 19.86
CA TYR D 172 8.55 18.13 21.22
C TYR D 172 7.62 19.02 22.03
N ILE D 173 7.73 20.34 21.81
CA ILE D 173 6.86 21.30 22.51
C ILE D 173 5.41 21.12 22.09
N LYS D 174 5.17 20.96 20.79
CA LYS D 174 3.80 20.81 20.32
C LYS D 174 3.21 19.51 20.85
N SER D 175 4.00 18.43 20.87
CA SER D 175 3.56 17.20 21.50
C SER D 175 3.18 17.43 22.96
N ILE D 176 3.94 18.28 23.69
CA ILE D 176 3.61 18.54 25.10
C ILE D 176 2.23 19.17 25.20
N ILE D 177 1.99 20.22 24.42
CA ILE D 177 0.73 20.96 24.53
C ILE D 177 -0.45 20.07 24.19
N LYS D 178 -0.34 19.28 23.12
CA LYS D 178 -1.44 18.41 22.76
C LYS D 178 -1.61 17.33 23.82
N SER D 179 -0.49 16.74 24.26
CA SER D 179 -0.54 15.72 25.30
C SER D 179 -1.31 16.22 26.51
N TYR D 180 -1.13 17.45 26.89
CA TYR D 180 -1.83 17.99 28.03
C TYR D 180 -3.31 18.22 27.71
N GLU D 181 -3.63 18.59 26.49
CA GLU D 181 -5.01 18.78 26.09
C GLU D 181 -5.78 17.49 26.16
N TYR D 182 -5.10 16.39 25.91
CA TYR D 182 -5.73 15.10 25.99
C TYR D 182 -6.26 14.92 27.40
N GLU D 183 -5.58 15.52 28.36
CA GLU D 183 -6.00 15.38 29.72
C GLU D 183 -6.81 16.55 30.23
N GLY D 184 -7.25 17.39 29.32
CA GLY D 184 -8.04 18.54 29.72
C GLY D 184 -7.24 19.69 30.27
N PHE D 185 -5.95 19.79 29.96
CA PHE D 185 -5.10 20.87 30.44
C PHE D 185 -4.75 21.81 29.30
N LYS D 186 -5.12 23.08 29.46
CA LYS D 186 -4.73 24.14 28.55
C LYS D 186 -3.36 24.66 28.98
N ILE D 187 -2.39 24.55 28.09
CA ILE D 187 -1.02 24.98 28.36
C ILE D 187 -0.50 25.88 27.23
N ASN D 188 0.30 26.87 27.57
CA ASN D 188 0.92 27.74 26.57
C ASN D 188 2.42 27.63 26.61
N ILE D 189 3.08 28.00 25.53
CA ILE D 189 4.54 27.90 25.42
C ILE D 189 5.08 26.62 26.09
N3B AN2 E . -9.69 22.67 -15.28
PB AN2 E . -8.37 21.62 -15.37
O2B AN2 E . -8.35 21.01 -16.74
O1B AN2 E . -8.37 20.54 -14.24
O3A AN2 E . -7.08 22.45 -15.18
PA AN2 E . -6.74 23.73 -16.08
O1A AN2 E . -8.10 24.09 -16.72
O2A AN2 E . -5.63 23.36 -17.00
O5' AN2 E . -6.25 24.76 -14.93
C5' AN2 E . -7.07 25.03 -13.72
C4' AN2 E . -6.29 25.45 -12.48
O4' AN2 E . -5.40 26.55 -12.81
C3' AN2 E . -7.14 25.94 -11.30
O3' AN2 E . -7.46 24.90 -10.38
C2' AN2 E . -6.26 27.00 -10.63
O2' AN2 E . -5.44 26.35 -9.65
C1' AN2 E . -5.43 27.54 -11.79
N9 AN2 E . -5.93 28.78 -12.39
C8 AN2 E . -7.07 28.93 -13.14
N7 AN2 E . -7.26 30.15 -13.58
C5 AN2 E . -6.16 30.86 -13.10
C4 AN2 E . -5.34 30.02 -12.37
N3 AN2 E . -4.19 30.37 -11.77
C2 AN2 E . -3.91 31.67 -11.95
N1 AN2 E . -4.62 32.58 -12.62
C6 AN2 E . -5.78 32.21 -13.22
N6 AN2 E . -6.48 33.13 -13.88
MG MG F . -10.40 20.57 -19.60
N3B AN2 G . -20.75 -19.16 10.85
PB AN2 G . -19.25 -19.34 11.59
O2B AN2 G . -18.24 -18.68 10.68
O1B AN2 G . -19.26 -18.68 13.00
O3A AN2 G . -19.10 -20.88 11.83
PA AN2 G . -17.78 -21.67 12.21
O1A AN2 G . -16.92 -20.96 13.22
O2A AN2 G . -18.23 -23.03 12.74
O5' AN2 G . -17.04 -21.83 10.81
C5' AN2 G . -17.70 -22.61 9.76
C4' AN2 G . -16.77 -23.02 8.62
O4' AN2 G . -16.09 -24.25 8.97
C3' AN2 G . -17.49 -23.27 7.30
O3' AN2 G . -17.38 -22.14 6.45
C2' AN2 G . -16.77 -24.49 6.71
O2' AN2 G . -15.73 -24.09 5.81
C1' AN2 G . -16.18 -25.19 7.92
N9 AN2 G . -16.92 -26.37 8.38
C8 AN2 G . -18.22 -26.41 8.81
N7 AN2 G . -18.63 -27.61 9.17
C5 AN2 G . -17.50 -28.40 8.97
C4 AN2 G . -16.44 -27.65 8.49
N3 AN2 G . -15.22 -28.09 8.18
C2 AN2 G . -15.11 -29.41 8.41
N1 AN2 G . -16.03 -30.25 8.87
C6 AN2 G . -17.27 -29.78 9.17
N6 AN2 G . -18.18 -30.64 9.63
MG MG H . -22.41 -16.62 14.15
C1 GOL I . -16.22 1.07 17.02
O1 GOL I . -17.09 2.17 16.88
C2 GOL I . -16.36 0.12 15.83
O2 GOL I . -17.61 -0.57 15.89
C3 GOL I . -16.10 0.90 14.53
O3 GOL I . -17.04 0.61 13.52
N3B AN2 J . 7.53 -13.19 -31.36
PB AN2 J . 6.61 -12.60 -32.62
O2B AN2 J . 7.09 -13.21 -33.99
O1B AN2 J . 5.15 -12.94 -32.43
O3A AN2 J . 6.83 -11.06 -32.57
PA AN2 J . 5.97 -9.95 -33.30
O1A AN2 J . 4.73 -10.57 -33.95
O2A AN2 J . 6.91 -9.24 -34.23
O5' AN2 J . 5.58 -9.01 -32.03
C5' AN2 J . 4.47 -9.29 -31.13
C4' AN2 J . 4.64 -8.58 -29.80
O4' AN2 J . 4.49 -7.15 -29.96
C3' AN2 J . 3.65 -9.00 -28.71
O3' AN2 J . 4.19 -9.98 -27.84
C2' AN2 J . 3.40 -7.70 -27.93
O2' AN2 J . 4.31 -7.50 -26.84
C1' AN2 J . 3.63 -6.61 -28.99
N9 AN2 J . 2.42 -6.12 -29.65
C8 AN2 J . 1.47 -6.84 -30.33
N7 AN2 J . 0.51 -6.12 -30.85
C5 AN2 J . 0.85 -4.82 -30.48
C4 AN2 J . 2.02 -4.80 -29.74
N3 AN2 J . 2.62 -3.74 -29.21
C2 AN2 J . 1.96 -2.62 -29.50
N1 AN2 J . 0.83 -2.47 -30.20
C6 AN2 J . 0.23 -3.57 -30.72
N6 AN2 J . -0.90 -3.43 -31.42
MG MG K . 8.46 -18.00 -35.95
C1 GOL L . 13.81 5.44 -19.03
O1 GOL L . 14.98 4.66 -19.31
C2 GOL L . 14.00 6.95 -18.80
O2 GOL L . 13.54 7.31 -17.50
C3 GOL L . 13.31 7.80 -19.87
O3 GOL L . 11.91 7.65 -19.98
C1 GOL M . 12.90 -1.20 -7.52
O1 GOL M . 13.08 -2.55 -7.91
C2 GOL M . 13.24 -0.25 -8.68
O2 GOL M . 14.63 -0.27 -8.98
C3 GOL M . 12.65 1.16 -8.54
O3 GOL M . 12.26 1.72 -9.79
N3B AN2 N . -4.55 12.81 33.16
PB AN2 N . -2.99 12.12 33.50
O2B AN2 N . -1.97 12.45 32.46
O1B AN2 N . -2.77 12.53 34.93
O3A AN2 N . -3.02 10.52 33.44
PA AN2 N . -4.27 9.58 33.73
O1A AN2 N . -3.84 8.64 34.81
O2A AN2 N . -5.53 10.36 33.91
O5' AN2 N . -4.36 8.79 32.33
C5' AN2 N . -5.20 9.18 31.25
C4' AN2 N . -4.81 8.39 29.99
O4' AN2 N . -5.31 7.05 30.07
C3' AN2 N . -5.34 8.98 28.69
O3' AN2 N . -4.35 9.66 27.95
C2' AN2 N . -5.81 7.81 27.88
O2' AN2 N . -4.76 7.46 26.98
C1' AN2 N . -5.98 6.67 28.87
N9 AN2 N . -7.40 6.43 29.17
C8 AN2 N . -8.31 7.32 29.58
N7 AN2 N . -9.51 6.74 29.79
C5 AN2 N . -9.38 5.44 29.52
C4 AN2 N . -7.98 5.24 29.12
N3 AN2 N . -7.58 4.01 28.78
C2 AN2 N . -8.44 2.97 28.81
N1 AN2 N . -9.72 3.08 29.18
C6 AN2 N . -10.25 4.25 29.53
N6 AN2 N . -11.55 4.36 29.89
MG MG O . -1.89 16.55 37.12
#